data_6JG2
#
_entry.id   6JG2
#
_cell.length_a   100.178
_cell.length_b   100.178
_cell.length_c   182.514
_cell.angle_alpha   90.000
_cell.angle_beta   90.000
_cell.angle_gamma   90.000
#
_symmetry.space_group_name_H-M   'P 43 21 2'
#
loop_
_entity.id
_entity.type
_entity.pdbx_description
1 polymer 'Barley exohydrolase I'
2 non-polymer 2-acetamido-2-deoxy-beta-D-glucopyranose
3 non-polymer (2~{R},3~{S},4~{S},5~{R},6~{S})-2-(hydroxymethyl)-6-[(2~{S},3~{S},4~{S},5~{R},6~{S})-2-(hydroxymethyl)-6-(4-nitrophenoxy)-3,5-bis(oxidanyl)oxan-4-yl]sulfanyl-oxane-3,4,5-triol
4 non-polymer 'PENTAETHYLENE GLYCOL'
5 non-polymer 'SULFATE ION'
6 non-polymer GLYCEROL
7 water water
#
_entity_poly.entity_id   1
_entity_poly.type   'polypeptide(L)'
_entity_poly.pdbx_seq_one_letter_code
;HHAADYVLYKDATKPVEDRVADLLGRMTLAEKIGQMTQIERLVATPDVLRDNFIGSLLSGGGSVPRKGATAKEWQDMVDG
FQKACMSTRLGIPMIYGIDAVHGQNNVYGATIFPHNVGLGATRDPYLVKRIGEATALEVRATGIQYAFAPCIAVCRDPRW
GRCYESYSEDRRIVQSMTELIPGLQGDVPKDFTSGMPFVAGKNKVAACAKHFVGDGGTVDGINENNTIINREGLMNIHMP
AYKNAMDKGVSTVMISYSSWNGVKMHANQDLVTGYLKDTLKFKGFVISDWEGIDRITTPAGSDYSYSVKASILAGLDMIM
VPNKYQQFISILTGHVNGGVIPMSRIDDAVTRILRVKFTMGLFENPYADPAMAEQLGKQEHRDLAREAARKSLVLLKNGK
TSTDAPLLPLPKKAPKILVAGSHADNLGYQCGGWTIEWQGDTGRTTVGTTILEAVKAAVDPSTVVVFAENPDAEFVKSGG
FSYAIVAVGEHPYTETKGDNLNLTIPEPGLSTVQAVCGGVRCATVLISGRPVVVQPLLAASDALVAAWLPGSEGQGVTDA
LFGDFGFTGRLPRTWFKSVDQLPMNVGDAHYDPLFRLGYGLTTNATKKY
;
_entity_poly.pdbx_strand_id   A
#
loop_
_chem_comp.id
_chem_comp.type
_chem_comp.name
_chem_comp.formula
1PE non-polymer 'PENTAETHYLENE GLYCOL' 'C10 H22 O6'
BV6 non-polymer (2~{R},3~{S},4~{S},5~{R},6~{S})-2-(hydroxymethyl)-6-[(2~{S},3~{S},4~{S},5~{R},6~{S})-2-(hydroxymethyl)-6-(4-nitrophenoxy)-3,5-bis(oxidanyl)oxan-4-yl]sulfanyl-oxane-3,4,5-triol 'C18 H25 N O12 S'
GOL non-polymer GLYCEROL 'C3 H8 O3'
NAG D-saccharide, beta linking 2-acetamido-2-deoxy-beta-D-glucopyranose 'C8 H15 N O6'
SO4 non-polymer 'SULFATE ION' 'O4 S -2'
#
# COMPACT_ATOMS: atom_id res chain seq x y z
N ALA A 3 -37.65 0.93 26.27
CA ALA A 3 -38.18 1.20 27.64
C ALA A 3 -37.44 2.42 28.22
N ALA A 4 -37.32 2.49 29.54
CA ALA A 4 -36.35 3.35 30.19
C ALA A 4 -35.04 2.56 30.35
N ASP A 5 -34.73 1.68 29.38
CA ASP A 5 -33.34 1.21 29.15
C ASP A 5 -32.70 1.82 27.86
N TYR A 6 -33.41 2.80 27.25
CA TYR A 6 -32.92 3.55 26.12
C TYR A 6 -31.64 4.32 26.38
N VAL A 7 -30.71 4.21 25.46
CA VAL A 7 -29.42 4.84 25.56
C VAL A 7 -29.11 5.44 24.19
N LEU A 8 -29.09 6.76 24.17
CA LEU A 8 -29.01 7.55 22.96
C LEU A 8 -27.92 7.04 22.01
N TYR A 9 -26.73 6.74 22.54
CA TYR A 9 -25.61 6.42 21.64
C TYR A 9 -25.84 5.11 20.98
N LYS A 10 -26.72 4.27 21.51
CA LYS A 10 -26.99 3.02 20.84
C LYS A 10 -28.12 3.19 19.86
N ASP A 11 -28.66 4.37 19.66
CA ASP A 11 -29.81 4.51 18.73
C ASP A 11 -29.31 4.90 17.31
N ALA A 12 -29.50 4.01 16.35
CA ALA A 12 -28.98 4.21 15.02
C ALA A 12 -29.62 5.35 14.24
N THR A 13 -30.76 5.86 14.67
CA THR A 13 -31.42 6.93 13.97
C THR A 13 -30.85 8.24 14.42
N LYS A 14 -30.06 8.28 15.49
CA LYS A 14 -29.62 9.59 16.03
C LYS A 14 -28.42 10.06 15.26
N PRO A 15 -28.22 11.38 15.13
CA PRO A 15 -27.04 11.89 14.43
C PRO A 15 -25.74 11.50 15.08
N VAL A 16 -24.73 11.31 14.24
CA VAL A 16 -23.40 10.88 14.66
C VAL A 16 -22.90 11.76 15.80
N GLU A 17 -22.89 13.07 15.62
CA GLU A 17 -22.33 13.95 16.71
C GLU A 17 -23.06 13.86 18.04
N ASP A 18 -24.37 13.60 17.99
CA ASP A 18 -25.21 13.30 19.20
C ASP A 18 -24.75 11.97 19.90
N ARG A 19 -24.57 10.94 19.10
CA ARG A 19 -24.23 9.66 19.61
C ARG A 19 -22.81 9.75 20.17
N VAL A 20 -21.92 10.43 19.47
CA VAL A 20 -20.53 10.60 19.97
C VAL A 20 -20.48 11.30 21.35
N ALA A 21 -21.19 12.43 21.43
CA ALA A 21 -21.23 13.22 22.66
C ALA A 21 -21.94 12.47 23.80
N ASP A 22 -22.98 11.70 23.47
CA ASP A 22 -23.71 10.94 24.49
C ASP A 22 -22.81 9.85 25.07
N LEU A 23 -22.06 9.18 24.20
CA LEU A 23 -21.21 8.09 24.67
C LEU A 23 -20.02 8.68 25.40
N LEU A 24 -19.42 9.72 24.85
CA LEU A 24 -18.28 10.31 25.48
C LEU A 24 -18.62 10.79 26.90
N GLY A 25 -19.76 11.43 27.10
CA GLY A 25 -20.14 11.86 28.48
C GLY A 25 -20.28 10.72 29.48
N ARG A 26 -20.35 9.47 29.03
CA ARG A 26 -20.50 8.38 29.94
C ARG A 26 -19.20 7.73 30.29
N MET A 27 -18.10 8.03 29.60
CA MET A 27 -16.94 7.15 29.66
C MET A 27 -16.01 7.48 30.82
N THR A 28 -15.46 6.48 31.49
CA THR A 28 -14.37 6.73 32.43
C THR A 28 -13.06 7.03 31.69
N LEU A 29 -12.08 7.50 32.44
CA LEU A 29 -10.73 7.71 31.90
C LEU A 29 -10.16 6.43 31.28
N ALA A 30 -10.22 5.34 32.01
CA ALA A 30 -9.77 4.07 31.48
C ALA A 30 -10.43 3.66 30.14
N GLU A 31 -11.72 3.95 30.03
CA GLU A 31 -12.52 3.67 28.84
C GLU A 31 -12.13 4.54 27.70
N LYS A 32 -11.85 5.82 28.03
CA LYS A 32 -11.33 6.78 27.04
C LYS A 32 -9.93 6.40 26.48
N ILE A 33 -8.96 6.15 27.36
CA ILE A 33 -7.63 5.80 26.93
C ILE A 33 -7.61 4.46 26.14
N GLY A 34 -8.49 3.56 26.52
CA GLY A 34 -8.67 2.33 25.84
C GLY A 34 -9.05 2.55 24.40
N GLN A 35 -9.92 3.52 24.15
CA GLN A 35 -10.30 3.83 22.76
C GLN A 35 -9.06 4.25 21.99
N MET A 36 -8.11 4.90 22.66
CA MET A 36 -6.96 5.44 22.00
C MET A 36 -5.85 4.42 21.81
N THR A 37 -6.10 3.19 22.23
CA THR A 37 -5.11 2.16 22.18
C THR A 37 -5.39 1.11 21.09
N GLN A 38 -4.42 0.93 20.22
CA GLN A 38 -4.48 -0.10 19.20
C GLN A 38 -3.39 -1.17 19.47
N ILE A 39 -3.78 -2.43 19.56
CA ILE A 39 -2.84 -3.49 19.84
C ILE A 39 -2.83 -4.50 18.72
N GLU A 40 -1.74 -5.26 18.64
CA GLU A 40 -1.57 -6.33 17.66
C GLU A 40 -2.43 -7.46 18.10
N ARG A 41 -3.01 -8.17 17.13
CA ARG A 41 -3.77 -9.38 17.41
C ARG A 41 -2.91 -10.37 18.19
N LEU A 42 -1.61 -10.31 18.01
CA LEU A 42 -0.72 -11.27 18.68
C LEU A 42 -0.71 -11.06 20.17
N VAL A 43 -1.10 -9.90 20.68
CA VAL A 43 -1.09 -9.75 22.12
C VAL A 43 -2.48 -9.75 22.69
N ALA A 44 -3.48 -9.87 21.84
CA ALA A 44 -4.84 -9.74 22.29
C ALA A 44 -5.41 -11.07 22.75
N THR A 45 -6.31 -10.95 23.71
CA THR A 45 -7.08 -12.04 24.28
C THR A 45 -8.37 -11.42 24.69
N PRO A 46 -9.38 -12.26 24.86
CA PRO A 46 -10.62 -11.63 25.20
C PRO A 46 -10.53 -10.80 26.50
N ASP A 47 -9.85 -11.31 27.51
CA ASP A 47 -9.65 -10.57 28.76
C ASP A 47 -8.93 -9.27 28.61
N VAL A 48 -7.82 -9.29 27.88
CA VAL A 48 -7.06 -8.07 27.60
C VAL A 48 -7.97 -6.99 26.93
N LEU A 49 -8.76 -7.42 25.98
CA LEU A 49 -9.62 -6.49 25.21
C LEU A 49 -10.69 -5.84 26.09
N ARG A 50 -11.22 -6.66 27.02
CA ARG A 50 -12.33 -6.27 27.85
C ARG A 50 -11.77 -5.49 29.02
N ASP A 51 -10.75 -6.08 29.67
CA ASP A 51 -10.17 -5.48 30.88
C ASP A 51 -9.57 -4.14 30.55
N ASN A 52 -8.96 -3.96 29.37
CA ASN A 52 -8.39 -2.67 29.04
C ASN A 52 -9.25 -1.78 28.13
N PHE A 53 -10.51 -2.14 27.92
CA PHE A 53 -11.36 -1.33 27.07
C PHE A 53 -10.71 -0.94 25.71
N ILE A 54 -10.03 -1.89 25.09
CA ILE A 54 -9.28 -1.61 23.87
C ILE A 54 -10.17 -1.11 22.71
N GLY A 55 -9.63 -0.12 22.02
CA GLY A 55 -10.33 0.58 20.96
C GLY A 55 -10.12 -0.06 19.59
N SER A 56 -8.97 -0.72 19.38
CA SER A 56 -8.66 -1.17 18.02
C SER A 56 -7.64 -2.27 18.00
N LEU A 57 -7.68 -3.10 16.96
CA LEU A 57 -6.65 -4.12 16.74
C LEU A 57 -6.04 -3.92 15.37
N LEU A 58 -4.85 -4.48 15.19
CA LEU A 58 -4.34 -4.68 13.87
C LEU A 58 -3.63 -6.01 13.68
N SER A 59 -3.43 -6.28 12.42
CA SER A 59 -2.46 -7.25 11.89
C SER A 59 -1.42 -6.41 11.22
N GLY A 60 -0.22 -6.42 11.77
CA GLY A 60 0.96 -6.00 11.00
C GLY A 60 1.25 -6.93 9.83
N GLY A 61 2.25 -6.64 9.04
CA GLY A 61 2.55 -7.50 7.91
C GLY A 61 2.87 -8.91 8.38
N GLY A 62 2.26 -9.90 7.75
CA GLY A 62 2.55 -11.29 8.13
C GLY A 62 1.77 -11.77 9.34
N SER A 63 1.03 -10.89 10.01
CA SER A 63 0.29 -11.29 11.23
C SER A 63 -1.11 -11.87 10.94
N VAL A 64 -1.19 -13.20 10.90
CA VAL A 64 -2.32 -13.94 10.33
C VAL A 64 -2.63 -15.08 11.30
N PRO A 65 -3.87 -15.54 11.28
CA PRO A 65 -4.31 -16.50 12.29
C PRO A 65 -3.63 -17.86 12.11
N ARG A 66 -3.51 -18.28 10.87
CA ARG A 66 -2.50 -19.20 10.46
C ARG A 66 -2.23 -19.10 8.98
N LYS A 67 -1.18 -19.77 8.57
CA LYS A 67 -0.71 -19.81 7.19
C LYS A 67 -1.85 -20.41 6.37
N GLY A 68 -2.21 -19.78 5.27
CA GLY A 68 -3.29 -20.37 4.44
C GLY A 68 -4.69 -20.24 5.01
N ALA A 69 -4.90 -19.46 6.06
CA ALA A 69 -6.23 -19.27 6.60
C ALA A 69 -7.26 -18.86 5.50
N THR A 70 -8.47 -19.41 5.58
CA THR A 70 -9.61 -19.03 4.73
C THR A 70 -10.20 -17.70 5.17
N ALA A 71 -11.08 -17.14 4.34
CA ALA A 71 -11.74 -15.89 4.64
C ALA A 71 -12.51 -16.09 5.92
N LYS A 72 -13.10 -17.26 6.04
CA LYS A 72 -13.91 -17.60 7.19
C LYS A 72 -13.03 -17.66 8.47
N GLU A 73 -11.80 -18.18 8.38
CA GLU A 73 -10.94 -18.19 9.59
C GLU A 73 -10.61 -16.78 10.03
N TRP A 74 -10.46 -15.89 9.06
CA TRP A 74 -10.24 -14.47 9.40
C TRP A 74 -11.49 -13.86 10.08
N GLN A 75 -12.65 -14.11 9.50
CA GLN A 75 -13.89 -13.59 10.08
C GLN A 75 -14.07 -14.08 11.50
N ASP A 76 -13.77 -15.34 11.72
CA ASP A 76 -13.99 -15.89 13.04
C ASP A 76 -13.00 -15.28 14.04
N MET A 77 -11.76 -15.03 13.64
CA MET A 77 -10.77 -14.44 14.57
C MET A 77 -11.24 -13.04 14.93
N VAL A 78 -11.67 -12.29 13.92
CA VAL A 78 -12.04 -10.90 14.12
C VAL A 78 -13.28 -10.80 14.98
N ASP A 79 -14.29 -11.58 14.64
CA ASP A 79 -15.48 -11.68 15.50
C ASP A 79 -15.18 -12.14 16.93
N GLY A 80 -14.30 -13.11 17.10
CA GLY A 80 -13.92 -13.50 18.46
C GLY A 80 -13.39 -12.32 19.29
N PHE A 81 -12.50 -11.52 18.72
CA PHE A 81 -12.02 -10.26 19.36
C PHE A 81 -13.20 -9.26 19.58
N GLN A 82 -14.06 -9.16 18.59
CA GLN A 82 -15.15 -8.17 18.68
C GLN A 82 -16.14 -8.54 19.76
N LYS A 83 -16.42 -9.83 19.87
CA LYS A 83 -17.27 -10.29 20.92
C LYS A 83 -16.75 -9.86 22.33
N ALA A 84 -15.45 -9.87 22.51
CA ALA A 84 -14.90 -9.54 23.84
C ALA A 84 -15.15 -8.02 24.06
N CYS A 85 -14.92 -7.23 23.02
CA CYS A 85 -15.07 -5.79 23.06
C CYS A 85 -16.53 -5.39 23.27
N MET A 86 -17.43 -6.13 22.62
CA MET A 86 -18.86 -5.78 22.71
C MET A 86 -19.37 -6.17 24.11
N SER A 87 -18.61 -6.98 24.84
CA SER A 87 -19.04 -7.37 26.16
C SER A 87 -18.64 -6.37 27.27
N THR A 88 -17.94 -5.29 26.96
CA THR A 88 -17.64 -4.25 27.98
C THR A 88 -18.90 -3.53 28.47
N ARG A 89 -18.75 -2.75 29.54
CA ARG A 89 -19.88 -2.03 30.13
C ARG A 89 -20.63 -1.21 28.99
N LEU A 90 -19.88 -0.53 28.15
CA LEU A 90 -20.45 0.41 27.15
C LEU A 90 -20.68 -0.24 25.77
N GLY A 91 -20.05 -1.39 25.56
CA GLY A 91 -20.23 -2.15 24.33
C GLY A 91 -19.73 -1.43 23.10
N ILE A 92 -18.55 -0.83 23.21
CA ILE A 92 -17.98 -0.06 22.09
C ILE A 92 -17.22 -1.05 21.20
N PRO A 93 -17.61 -1.17 19.91
CA PRO A 93 -16.89 -2.12 19.06
C PRO A 93 -15.51 -1.65 18.72
N MET A 94 -14.59 -2.60 18.59
CA MET A 94 -13.29 -2.26 18.09
C MET A 94 -13.26 -2.16 16.60
N ILE A 95 -12.24 -1.47 16.09
CA ILE A 95 -12.03 -1.36 14.67
C ILE A 95 -10.71 -2.10 14.41
N TYR A 96 -10.74 -2.97 13.42
CA TYR A 96 -9.63 -3.83 13.10
C TYR A 96 -8.94 -3.31 11.84
N GLY A 97 -7.67 -3.02 11.95
CA GLY A 97 -6.94 -2.49 10.83
C GLY A 97 -5.93 -3.45 10.24
N ILE A 98 -5.70 -3.27 8.93
CA ILE A 98 -4.68 -4.03 8.24
C ILE A 98 -4.11 -3.29 7.05
N ASP A 99 -2.91 -3.67 6.66
CA ASP A 99 -2.26 -3.14 5.44
C ASP A 99 -2.78 -3.88 4.17
N ALA A 100 -3.94 -3.46 3.67
CA ALA A 100 -4.39 -3.88 2.36
C ALA A 100 -4.01 -2.73 1.44
N VAL A 101 -2.80 -2.83 0.90
CA VAL A 101 -2.13 -1.74 0.13
C VAL A 101 -1.97 -2.14 -1.36
N HIS A 102 -2.31 -3.37 -1.74
CA HIS A 102 -2.41 -3.77 -3.15
C HIS A 102 -3.29 -5.00 -3.25
N GLY A 103 -4.52 -4.81 -2.81
CA GLY A 103 -5.42 -5.91 -2.43
C GLY A 103 -5.26 -6.21 -0.94
N GLN A 104 -6.00 -7.20 -0.46
CA GLN A 104 -5.99 -7.71 0.89
C GLN A 104 -4.79 -8.68 1.05
N ASN A 105 -3.65 -8.04 0.97
CA ASN A 105 -2.43 -8.72 0.60
C ASN A 105 -1.81 -9.65 1.64
N ASN A 106 -2.28 -9.60 2.91
CA ASN A 106 -1.70 -10.47 3.93
C ASN A 106 -2.38 -11.86 3.81
N VAL A 107 -3.47 -11.93 3.03
CA VAL A 107 -4.40 -13.01 3.08
C VAL A 107 -4.21 -13.96 1.88
N TYR A 108 -4.11 -15.24 2.18
CA TYR A 108 -3.87 -16.23 1.15
C TYR A 108 -5.07 -16.26 0.23
N GLY A 109 -4.91 -16.29 -1.07
CA GLY A 109 -6.08 -16.39 -1.94
C GLY A 109 -6.63 -15.01 -2.32
N ALA A 110 -6.13 -13.95 -1.68
CA ALA A 110 -6.54 -12.58 -2.05
C ALA A 110 -5.97 -12.14 -3.37
N THR A 111 -6.82 -11.46 -4.16
CA THR A 111 -6.36 -10.87 -5.37
C THR A 111 -5.25 -9.87 -5.02
N ILE A 112 -4.14 -9.93 -5.74
CA ILE A 112 -3.02 -9.02 -5.54
C ILE A 112 -2.84 -8.14 -6.72
N PHE A 113 -3.05 -6.84 -6.47
CA PHE A 113 -3.05 -5.82 -7.49
C PHE A 113 -1.64 -5.29 -7.64
N PRO A 114 -1.34 -4.62 -8.78
CA PRO A 114 -0.07 -3.98 -8.96
C PRO A 114 0.19 -2.98 -7.82
N HIS A 115 1.46 -2.89 -7.40
CA HIS A 115 1.85 -1.83 -6.43
C HIS A 115 1.70 -0.46 -6.99
N ASN A 116 1.77 0.53 -6.10
CA ASN A 116 1.38 1.89 -6.46
C ASN A 116 2.17 2.47 -7.63
N VAL A 117 3.47 2.22 -7.66
CA VAL A 117 4.30 2.78 -8.73
C VAL A 117 3.74 2.39 -10.10
N GLY A 118 3.35 1.14 -10.23
CA GLY A 118 2.74 0.65 -11.47
C GLY A 118 1.42 1.32 -11.75
N LEU A 119 0.64 1.52 -10.73
CA LEU A 119 -0.62 2.19 -10.91
C LEU A 119 -0.50 3.64 -11.36
N GLY A 120 0.52 4.32 -10.88
CA GLY A 120 0.95 5.60 -11.45
C GLY A 120 1.22 5.59 -12.97
N ALA A 121 1.87 4.51 -13.44
CA ALA A 121 2.13 4.32 -14.87
C ALA A 121 0.86 4.30 -15.67
N THR A 122 -0.24 3.83 -15.08
CA THR A 122 -1.50 3.80 -15.83
C THR A 122 -2.10 5.16 -16.05
N ARG A 123 -1.73 6.14 -15.25
CA ARG A 123 -2.40 7.44 -15.31
C ARG A 123 -3.95 7.24 -15.33
N ASP A 124 -4.51 6.26 -14.65
CA ASP A 124 -5.95 6.00 -14.78
C ASP A 124 -6.63 6.04 -13.39
N PRO A 125 -7.09 7.22 -12.95
CA PRO A 125 -7.57 7.24 -11.57
C PRO A 125 -8.84 6.46 -11.40
N TYR A 126 -9.64 6.30 -12.45
CA TYR A 126 -10.89 5.59 -12.31
C TYR A 126 -10.59 4.09 -12.13
N LEU A 127 -9.53 3.65 -12.74
CA LEU A 127 -9.02 2.27 -12.61
C LEU A 127 -8.63 2.03 -11.12
N VAL A 128 -7.98 3.02 -10.51
CA VAL A 128 -7.54 2.94 -9.11
C VAL A 128 -8.71 2.92 -8.17
N LYS A 129 -9.75 3.69 -8.52
CA LYS A 129 -10.96 3.70 -7.78
C LYS A 129 -11.59 2.35 -7.75
N ARG A 130 -11.71 1.74 -8.94
CA ARG A 130 -12.25 0.38 -9.04
C ARG A 130 -11.39 -0.58 -8.20
N ILE A 131 -10.10 -0.39 -8.18
CA ILE A 131 -9.26 -1.28 -7.34
C ILE A 131 -9.62 -1.07 -5.84
N GLY A 132 -9.86 0.14 -5.41
CA GLY A 132 -10.33 0.38 -4.04
C GLY A 132 -11.64 -0.28 -3.74
N GLU A 133 -12.56 -0.23 -4.71
CA GLU A 133 -13.81 -0.90 -4.56
C GLU A 133 -13.59 -2.40 -4.33
N ALA A 134 -12.78 -3.02 -5.16
CA ALA A 134 -12.61 -4.46 -5.04
C ALA A 134 -11.76 -4.79 -3.77
N THR A 135 -10.81 -3.96 -3.45
CA THR A 135 -10.02 -4.16 -2.20
C THR A 135 -10.92 -4.12 -1.03
N ALA A 136 -11.84 -3.14 -0.98
CA ALA A 136 -12.78 -3.09 0.16
C ALA A 136 -13.58 -4.36 0.30
N LEU A 137 -14.04 -4.90 -0.80
CA LEU A 137 -14.77 -6.14 -0.75
C LEU A 137 -13.94 -7.29 -0.19
N GLU A 138 -12.70 -7.41 -0.61
CA GLU A 138 -11.89 -8.54 -0.22
C GLU A 138 -11.41 -8.32 1.19
N VAL A 139 -11.34 -7.07 1.67
CA VAL A 139 -10.99 -6.84 3.13
C VAL A 139 -12.20 -7.17 3.94
N ARG A 140 -13.42 -6.79 3.51
CA ARG A 140 -14.64 -7.16 4.29
C ARG A 140 -14.92 -8.65 4.23
N ALA A 141 -14.44 -9.30 3.18
CA ALA A 141 -14.55 -10.75 3.12
C ALA A 141 -13.84 -11.46 4.30
N THR A 142 -12.93 -10.77 4.97
CA THR A 142 -12.05 -11.33 6.04
C THR A 142 -12.43 -10.72 7.41
N GLY A 143 -13.48 -9.93 7.35
CA GLY A 143 -14.13 -9.40 8.52
C GLY A 143 -13.52 -8.12 8.96
N ILE A 144 -12.58 -7.62 8.21
CA ILE A 144 -11.82 -6.40 8.57
C ILE A 144 -12.47 -5.15 8.00
N GLN A 145 -12.40 -4.06 8.78
CA GLN A 145 -13.16 -2.82 8.51
C GLN A 145 -12.33 -1.63 8.12
N TYR A 146 -11.03 -1.79 8.14
CA TYR A 146 -10.08 -0.65 8.07
C TYR A 146 -8.80 -1.08 7.35
N ALA A 147 -8.47 -0.32 6.33
CA ALA A 147 -7.29 -0.47 5.54
C ALA A 147 -6.34 0.69 5.67
N PHE A 148 -5.09 0.39 6.01
CA PHE A 148 -3.97 1.34 6.08
C PHE A 148 -3.48 1.78 4.71
N ALA A 149 -4.37 2.43 3.97
CA ALA A 149 -4.07 2.85 2.67
C ALA A 149 -5.02 3.99 2.25
N PRO A 150 -4.64 4.81 1.27
CA PRO A 150 -3.45 4.86 0.42
C PRO A 150 -2.25 5.52 1.03
N CYS A 151 -1.11 4.98 0.67
CA CYS A 151 0.11 5.69 0.82
C CYS A 151 0.15 6.71 -0.27
N ILE A 152 0.04 7.97 0.15
CA ILE A 152 0.17 9.09 -0.74
C ILE A 152 1.51 9.80 -0.62
N ALA A 153 2.55 9.04 -0.24
CA ALA A 153 3.90 9.56 -0.37
C ALA A 153 4.26 9.88 -1.82
N VAL A 154 5.00 10.96 -1.95
CA VAL A 154 5.61 11.41 -3.21
C VAL A 154 7.08 11.09 -3.14
N CYS A 155 7.43 9.94 -3.70
CA CYS A 155 8.77 9.42 -3.58
C CYS A 155 9.66 10.25 -4.49
N ARG A 156 10.61 10.96 -3.86
CA ARG A 156 11.53 11.87 -4.56
C ARG A 156 12.91 11.26 -4.72
N ASP A 157 13.14 10.06 -4.24
CA ASP A 157 14.40 9.39 -4.43
C ASP A 157 14.19 7.86 -4.49
N PRO A 158 14.45 7.23 -5.63
CA PRO A 158 14.09 5.79 -5.70
C PRO A 158 14.94 4.90 -4.89
N ARG A 159 15.93 5.45 -4.18
CA ARG A 159 16.69 4.62 -3.25
C ARG A 159 15.94 4.24 -1.97
N TRP A 160 14.87 4.98 -1.69
CA TRP A 160 13.88 4.58 -0.68
C TRP A 160 13.23 3.21 -0.94
N GLY A 161 13.34 2.35 0.05
CA GLY A 161 12.71 1.02 -0.04
C GLY A 161 11.19 1.04 -0.10
N ARG A 162 10.58 2.22 0.04
CA ARG A 162 9.13 2.36 -0.10
C ARG A 162 8.71 3.08 -1.34
N CYS A 163 9.65 3.38 -2.24
CA CYS A 163 9.32 4.08 -3.44
C CYS A 163 8.12 3.42 -4.22
N TYR A 164 8.06 2.09 -4.22
CA TYR A 164 6.96 1.39 -4.91
C TYR A 164 5.55 1.65 -4.34
N GLU A 165 5.50 2.10 -3.08
CA GLU A 165 4.24 2.48 -2.45
C GLU A 165 3.77 3.87 -2.85
N SER A 166 4.61 4.60 -3.61
CA SER A 166 4.27 5.93 -4.16
C SER A 166 3.87 5.86 -5.62
N TYR A 167 2.77 6.53 -5.94
CA TYR A 167 2.26 6.50 -7.28
C TYR A 167 3.21 7.17 -8.22
N SER A 168 3.97 8.17 -7.75
CA SER A 168 4.76 8.99 -8.65
C SER A 168 5.68 9.93 -7.90
N GLU A 169 6.74 10.39 -8.55
CA GLU A 169 7.49 11.53 -8.04
C GLU A 169 6.76 12.86 -8.29
N ASP A 170 5.73 12.82 -9.13
CA ASP A 170 4.91 13.98 -9.45
C ASP A 170 3.69 14.00 -8.59
N ARG A 171 3.56 15.01 -7.78
CA ARG A 171 2.41 15.02 -6.83
C ARG A 171 1.03 15.12 -7.52
N ARG A 172 0.98 15.71 -8.71
CA ARG A 172 -0.30 15.78 -9.42
C ARG A 172 -0.80 14.38 -9.69
N ILE A 173 0.11 13.45 -9.92
CA ILE A 173 -0.31 12.03 -10.16
C ILE A 173 -0.82 11.42 -8.87
N VAL A 174 -0.08 11.63 -7.77
CA VAL A 174 -0.51 11.16 -6.47
C VAL A 174 -1.87 11.79 -6.08
N GLN A 175 -2.01 13.09 -6.30
CA GLN A 175 -3.31 13.73 -6.01
C GLN A 175 -4.40 13.06 -6.82
N SER A 176 -4.12 12.74 -8.08
CA SER A 176 -5.18 12.07 -8.84
C SER A 176 -5.48 10.71 -8.33
N MET A 177 -4.47 9.97 -7.87
CA MET A 177 -4.70 8.59 -7.42
C MET A 177 -5.35 8.47 -6.03
N THR A 178 -5.68 9.60 -5.37
CA THR A 178 -6.48 9.58 -4.15
C THR A 178 -7.89 9.14 -4.42
N GLU A 179 -8.25 8.93 -5.68
CA GLU A 179 -9.50 8.23 -6.01
C GLU A 179 -9.60 6.87 -5.37
N LEU A 180 -8.50 6.31 -4.90
CA LEU A 180 -8.61 5.06 -4.16
C LEU A 180 -9.54 5.18 -2.97
N ILE A 181 -9.47 6.34 -2.30
CA ILE A 181 -10.18 6.56 -1.09
C ILE A 181 -11.68 6.34 -1.27
N PRO A 182 -12.33 7.04 -2.21
CA PRO A 182 -13.74 6.76 -2.37
C PRO A 182 -14.04 5.39 -2.94
N GLY A 183 -13.08 4.77 -3.59
CA GLY A 183 -13.30 3.32 -3.90
C GLY A 183 -13.31 2.47 -2.66
N LEU A 184 -12.32 2.63 -1.77
CA LEU A 184 -12.39 1.93 -0.47
C LEU A 184 -13.60 2.24 0.44
N GLN A 185 -13.85 3.54 0.62
CA GLN A 185 -14.86 4.04 1.52
C GLN A 185 -16.25 4.29 0.92
N GLY A 186 -16.33 4.42 -0.38
CA GLY A 186 -17.60 4.88 -0.98
C GLY A 186 -17.53 6.36 -1.20
N ASP A 187 -18.25 6.78 -2.22
CA ASP A 187 -18.32 8.22 -2.57
C ASP A 187 -19.03 9.01 -1.54
N VAL A 188 -18.51 10.19 -1.27
CA VAL A 188 -19.11 11.07 -0.26
C VAL A 188 -20.37 11.73 -0.86
N PRO A 189 -21.38 12.08 -0.03
CA PRO A 189 -22.60 12.80 -0.51
C PRO A 189 -22.30 14.14 -1.16
N LYS A 190 -23.29 14.71 -1.82
CA LYS A 190 -23.13 16.00 -2.58
C LYS A 190 -22.70 17.18 -1.69
N ASP A 191 -23.36 17.31 -0.58
CA ASP A 191 -23.14 18.41 0.35
C ASP A 191 -21.83 18.30 1.16
N PHE A 192 -20.98 17.31 0.91
CA PHE A 192 -19.99 16.92 1.91
C PHE A 192 -19.02 18.02 2.34
N THR A 193 -18.73 18.18 3.65
CA THR A 193 -17.68 19.12 4.13
C THR A 193 -16.26 18.46 4.11
N SER A 194 -15.30 19.09 3.44
CA SER A 194 -13.97 18.56 3.31
C SER A 194 -13.40 18.35 4.74
N GLY A 195 -12.70 17.23 4.96
CA GLY A 195 -12.07 16.93 6.28
C GLY A 195 -12.97 16.08 7.19
N MET A 196 -14.26 15.99 6.90
CA MET A 196 -15.13 15.06 7.61
C MET A 196 -14.80 13.62 7.17
N PRO A 197 -14.87 12.66 8.10
CA PRO A 197 -14.62 11.27 7.76
C PRO A 197 -15.85 10.63 7.12
N PHE A 198 -15.70 9.66 6.22
CA PHE A 198 -16.88 9.05 5.65
C PHE A 198 -16.59 7.57 5.33
N VAL A 199 -17.49 6.67 5.68
CA VAL A 199 -17.48 5.31 5.13
C VAL A 199 -18.94 5.00 4.86
N ALA A 200 -19.27 4.44 3.68
CA ALA A 200 -20.64 4.26 3.29
C ALA A 200 -21.40 3.20 4.05
N GLY A 201 -20.74 2.18 4.54
CA GLY A 201 -21.48 1.11 5.12
C GLY A 201 -20.59 -0.10 5.11
N LYS A 202 -21.22 -1.22 5.43
CA LYS A 202 -20.54 -2.46 5.75
C LYS A 202 -19.89 -3.18 4.55
N ASN A 203 -20.14 -2.74 3.32
CA ASN A 203 -19.37 -3.23 2.20
C ASN A 203 -18.18 -2.36 1.84
N LYS A 204 -17.88 -1.34 2.64
CA LYS A 204 -16.76 -0.47 2.42
C LYS A 204 -15.89 -0.56 3.73
N VAL A 205 -14.73 0.05 3.65
CA VAL A 205 -13.83 0.13 4.78
C VAL A 205 -13.37 1.55 5.00
N ALA A 206 -12.93 1.81 6.23
CA ALA A 206 -12.16 3.01 6.50
C ALA A 206 -10.82 2.96 5.86
N ALA A 207 -10.42 4.11 5.33
CA ALA A 207 -9.16 4.32 4.69
C ALA A 207 -8.23 5.12 5.56
N CYS A 208 -7.01 5.29 5.08
CA CYS A 208 -5.95 5.93 5.85
C CYS A 208 -4.94 6.55 4.93
N ALA A 209 -4.90 7.88 4.87
CA ALA A 209 -3.89 8.55 4.05
C ALA A 209 -2.60 8.54 4.84
N LYS A 210 -1.53 8.09 4.22
CA LYS A 210 -0.30 7.93 4.97
C LYS A 210 0.89 8.21 4.12
N HIS A 211 2.05 8.50 4.71
CA HIS A 211 2.31 8.87 6.08
C HIS A 211 2.57 10.41 6.15
N PHE A 212 1.80 11.07 6.99
CA PHE A 212 1.78 12.53 7.14
C PHE A 212 3.06 12.93 7.91
N VAL A 213 4.00 13.69 7.30
CA VAL A 213 3.98 14.21 5.92
C VAL A 213 5.44 14.31 5.48
N GLY A 214 5.65 14.12 4.16
CA GLY A 214 7.00 14.12 3.53
C GLY A 214 7.78 12.83 3.75
N ASP A 215 7.06 11.76 4.00
CA ASP A 215 7.68 10.43 3.99
C ASP A 215 8.52 10.14 2.73
N GLY A 216 8.06 10.64 1.58
CA GLY A 216 8.76 10.39 0.33
C GLY A 216 9.88 11.39 0.00
N GLY A 217 10.21 12.32 0.89
CA GLY A 217 11.26 13.30 0.55
C GLY A 217 12.48 13.18 1.43
N THR A 218 12.82 12.00 1.89
CA THR A 218 13.88 11.92 2.90
C THR A 218 15.29 12.15 2.24
N VAL A 219 16.26 12.66 3.00
CA VAL A 219 17.65 12.69 2.52
C VAL A 219 18.10 11.29 2.02
N ASP A 220 18.50 11.21 0.74
CA ASP A 220 19.00 9.97 0.06
C ASP A 220 17.99 8.80 0.02
N GLY A 221 16.71 9.17 0.01
CA GLY A 221 15.60 8.23 0.24
C GLY A 221 15.79 7.28 1.41
N ILE A 222 16.54 7.70 2.46
CA ILE A 222 16.73 6.90 3.68
C ILE A 222 15.34 6.79 4.38
N ASN A 223 14.90 5.54 4.63
CA ASN A 223 13.57 5.31 5.22
C ASN A 223 13.55 5.86 6.67
N GLU A 224 12.46 6.56 7.00
CA GLU A 224 12.15 7.01 8.36
C GLU A 224 12.99 8.23 8.72
N ASN A 225 13.73 8.78 7.78
CA ASN A 225 14.81 9.70 8.14
C ASN A 225 14.28 11.15 8.10
N ASN A 226 15.19 12.11 7.87
CA ASN A 226 14.87 13.55 7.83
C ASN A 226 14.56 14.08 6.41
N THR A 227 13.49 14.85 6.31
CA THR A 227 13.08 15.52 5.06
C THR A 227 13.42 17.01 5.17
N ILE A 228 14.50 17.40 4.46
CA ILE A 228 15.07 18.77 4.53
C ILE A 228 14.55 19.59 3.34
N ILE A 229 13.48 20.37 3.58
CA ILE A 229 12.80 21.21 2.56
C ILE A 229 12.10 22.35 3.29
N ASN A 230 11.80 23.44 2.61
CA ASN A 230 11.14 24.55 3.33
C ASN A 230 9.62 24.44 3.23
N ARG A 231 8.93 25.23 4.05
CA ARG A 231 7.48 25.19 4.10
C ARG A 231 6.87 25.15 2.68
N GLU A 232 7.42 25.95 1.76
CA GLU A 232 6.82 26.09 0.42
C GLU A 232 6.93 24.77 -0.40
N GLY A 233 8.11 24.13 -0.37
CA GLY A 233 8.35 22.81 -0.97
C GLY A 233 7.56 21.69 -0.30
N LEU A 234 7.40 21.78 1.02
CA LEU A 234 6.55 20.83 1.73
C LEU A 234 5.14 20.93 1.22
N MET A 235 4.65 22.16 1.11
CA MET A 235 3.24 22.36 0.76
C MET A 235 3.01 22.18 -0.72
N ASN A 236 4.00 22.46 -1.57
CA ASN A 236 3.79 22.33 -3.03
C ASN A 236 3.97 20.90 -3.48
N ILE A 237 4.85 20.16 -2.82
CA ILE A 237 5.13 18.76 -3.19
C ILE A 237 4.43 17.72 -2.29
N HIS A 238 4.75 17.75 -0.98
CA HIS A 238 4.34 16.63 -0.13
C HIS A 238 2.97 16.67 0.51
N MET A 239 2.42 17.88 0.61
CA MET A 239 1.18 18.10 1.23
C MET A 239 -0.04 18.02 0.33
N PRO A 240 0.03 18.46 -0.96
CA PRO A 240 -1.32 18.65 -1.61
C PRO A 240 -2.31 17.48 -1.65
N ALA A 241 -1.82 16.25 -1.76
CA ALA A 241 -2.76 15.11 -1.86
C ALA A 241 -3.47 14.88 -0.54
N TYR A 242 -2.91 15.36 0.59
CA TYR A 242 -3.70 15.38 1.87
C TYR A 242 -4.95 16.20 1.78
N LYS A 243 -4.91 17.25 1.00
CA LYS A 243 -6.08 18.10 0.84
C LYS A 243 -7.11 17.38 -0.02
N ASN A 244 -6.69 16.77 -1.12
CA ASN A 244 -7.61 15.89 -1.90
C ASN A 244 -8.18 14.77 -1.04
N ALA A 245 -7.34 14.16 -0.19
CA ALA A 245 -7.87 13.16 0.72
C ALA A 245 -8.90 13.77 1.66
N MET A 246 -8.67 14.96 2.21
CA MET A 246 -9.73 15.58 3.05
C MET A 246 -11.01 15.75 2.23
N ASP A 247 -10.87 16.18 0.99
CA ASP A 247 -12.06 16.41 0.16
C ASP A 247 -12.88 15.18 -0.07
N LYS A 248 -12.20 14.02 -0.15
CA LYS A 248 -12.89 12.74 -0.33
C LYS A 248 -13.19 11.98 0.98
N GLY A 249 -13.07 12.68 2.11
CA GLY A 249 -13.56 12.18 3.39
C GLY A 249 -12.72 11.03 3.98
N VAL A 250 -11.43 11.06 3.76
CA VAL A 250 -10.60 9.97 4.29
C VAL A 250 -10.83 9.88 5.83
N SER A 251 -10.92 8.66 6.38
CA SER A 251 -11.39 8.52 7.72
C SER A 251 -10.30 8.76 8.76
N THR A 252 -9.06 8.45 8.36
CA THR A 252 -7.94 8.48 9.23
C THR A 252 -6.70 8.92 8.49
N VAL A 253 -5.70 9.36 9.25
CA VAL A 253 -4.43 9.74 8.75
C VAL A 253 -3.32 9.15 9.62
N MET A 254 -2.34 8.49 9.02
CA MET A 254 -1.25 7.91 9.79
C MET A 254 -0.06 8.80 9.66
N ILE A 255 0.60 9.03 10.79
CA ILE A 255 1.74 9.92 10.85
C ILE A 255 3.01 9.19 10.47
N SER A 256 3.95 9.91 9.84
CA SER A 256 5.23 9.38 9.38
C SER A 256 6.28 9.29 10.48
N TYR A 257 7.05 8.22 10.45
CA TYR A 257 8.30 8.09 11.25
C TYR A 257 9.29 9.22 11.00
N SER A 258 9.22 9.72 9.77
CA SER A 258 10.08 10.76 9.21
C SER A 258 9.97 12.04 10.07
N SER A 259 10.95 12.89 9.90
CA SER A 259 11.07 14.19 10.56
C SER A 259 10.93 15.21 9.46
N TRP A 260 10.60 16.43 9.86
CA TRP A 260 10.51 17.54 8.94
C TRP A 260 11.41 18.69 9.45
N ASN A 261 12.56 18.88 8.76
CA ASN A 261 13.59 19.82 9.19
C ASN A 261 13.91 19.53 10.64
N GLY A 262 14.31 18.29 10.88
CA GLY A 262 14.74 17.88 12.20
C GLY A 262 13.70 17.62 13.26
N VAL A 263 12.44 18.07 13.09
CA VAL A 263 11.33 17.77 14.04
C VAL A 263 10.57 16.48 13.70
N LYS A 264 10.55 15.55 14.66
CA LYS A 264 9.80 14.30 14.51
C LYS A 264 8.35 14.59 14.17
N MET A 265 7.85 13.95 13.11
CA MET A 265 6.42 14.15 12.74
C MET A 265 5.46 13.75 13.88
N HIS A 266 5.84 12.68 14.59
CA HIS A 266 5.06 12.18 15.71
C HIS A 266 5.11 13.10 16.95
N ALA A 267 5.90 14.16 16.91
CA ALA A 267 5.95 15.12 18.05
C ALA A 267 5.64 16.51 17.54
N ASN A 268 5.09 16.62 16.31
CA ASN A 268 4.96 17.91 15.61
C ASN A 268 3.57 18.45 15.68
N GLN A 269 3.34 19.29 16.69
CA GLN A 269 2.01 19.80 17.04
C GLN A 269 1.52 20.76 15.98
N ASP A 270 2.45 21.52 15.44
CA ASP A 270 2.14 22.48 14.43
C ASP A 270 1.55 21.87 13.15
N LEU A 271 2.11 20.75 12.68
CA LEU A 271 1.55 20.12 11.47
C LEU A 271 0.35 19.26 11.75
N VAL A 272 0.41 18.47 12.82
CA VAL A 272 -0.69 17.57 13.18
C VAL A 272 -1.89 18.36 13.69
N THR A 273 -1.69 19.23 14.68
CA THR A 273 -2.82 19.97 15.25
C THR A 273 -3.05 21.27 14.46
N GLY A 274 -2.02 22.05 14.27
CA GLY A 274 -2.19 23.37 13.61
C GLY A 274 -2.60 23.27 12.16
N TYR A 275 -1.93 22.41 11.43
CA TYR A 275 -2.23 22.28 10.03
C TYR A 275 -3.38 21.27 9.74
N LEU A 276 -3.12 19.98 9.97
CA LEU A 276 -4.04 18.93 9.56
C LEU A 276 -5.39 19.09 10.22
N LYS A 277 -5.42 19.19 11.55
CA LYS A 277 -6.73 19.36 12.21
C LYS A 277 -7.29 20.79 12.07
N ASP A 278 -6.51 21.82 12.41
CA ASP A 278 -7.09 23.16 12.47
C ASP A 278 -7.15 23.91 11.14
N THR A 279 -6.23 23.65 10.20
CA THR A 279 -6.31 24.28 8.88
C THR A 279 -7.09 23.43 7.87
N LEU A 280 -6.70 22.15 7.70
CA LEU A 280 -7.46 21.31 6.78
C LEU A 280 -8.80 20.89 7.34
N LYS A 281 -9.04 21.17 8.64
CA LYS A 281 -10.31 20.82 9.31
C LYS A 281 -10.54 19.31 9.31
N PHE A 282 -9.48 18.53 9.46
CA PHE A 282 -9.65 17.06 9.51
C PHE A 282 -10.44 16.65 10.75
N LYS A 283 -11.55 15.93 10.57
CA LYS A 283 -12.33 15.50 11.73
C LYS A 283 -12.31 13.99 11.96
N GLY A 284 -11.49 13.26 11.21
CA GLY A 284 -11.29 11.82 11.45
C GLY A 284 -10.29 11.71 12.58
N PHE A 285 -9.65 10.56 12.68
CA PHE A 285 -8.66 10.34 13.72
C PHE A 285 -7.31 10.11 13.14
N VAL A 286 -6.34 10.49 13.93
CA VAL A 286 -4.95 10.46 13.59
C VAL A 286 -4.29 9.31 14.35
N ILE A 287 -3.62 8.44 13.62
CA ILE A 287 -3.03 7.25 14.17
C ILE A 287 -1.54 7.32 13.98
N SER A 288 -0.80 6.86 14.98
CA SER A 288 0.60 6.69 14.91
C SER A 288 0.94 5.58 13.95
N ASP A 289 2.13 5.65 13.42
CA ASP A 289 2.77 4.47 12.84
C ASP A 289 3.24 3.54 13.99
N TRP A 290 3.71 2.37 13.60
CA TRP A 290 4.05 1.24 14.46
C TRP A 290 5.27 1.55 15.32
N GLU A 291 5.06 1.67 16.63
CA GLU A 291 6.09 2.18 17.53
C GLU A 291 6.65 3.54 17.08
N GLY A 292 5.82 4.33 16.42
CA GLY A 292 6.21 5.66 15.98
C GLY A 292 6.53 6.61 17.12
N ILE A 293 5.79 6.54 18.21
CA ILE A 293 6.01 7.48 19.29
C ILE A 293 7.32 7.05 19.99
N ASP A 294 7.62 5.74 20.02
CA ASP A 294 8.87 5.21 20.64
C ASP A 294 10.09 5.84 19.99
N ARG A 295 10.00 5.99 18.66
CA ARG A 295 11.09 6.47 17.80
C ARG A 295 11.19 8.01 17.74
N ILE A 296 10.39 8.72 18.56
CA ILE A 296 10.58 10.16 18.74
C ILE A 296 11.95 10.41 19.37
N THR A 297 12.34 9.51 20.27
CA THR A 297 13.61 9.61 21.00
C THR A 297 14.72 8.81 20.34
N THR A 298 15.95 9.27 20.58
CA THR A 298 17.16 8.58 20.12
C THR A 298 17.98 8.21 21.36
N PRO A 299 18.18 6.92 21.58
CA PRO A 299 17.59 5.83 20.80
C PRO A 299 16.07 5.70 20.99
N ALA A 300 15.44 4.89 20.15
CA ALA A 300 14.01 4.69 20.25
C ALA A 300 13.66 4.02 21.56
N GLY A 301 12.60 4.45 22.20
CA GLY A 301 12.17 3.72 23.39
C GLY A 301 12.90 4.08 24.68
N SER A 302 13.86 5.01 24.64
CA SER A 302 14.67 5.28 25.81
C SER A 302 13.93 6.19 26.77
N ASP A 303 12.79 6.74 26.38
CA ASP A 303 11.96 7.52 27.30
C ASP A 303 10.47 7.56 26.88
N TYR A 304 9.79 6.45 27.20
CA TYR A 304 8.48 6.19 26.68
C TYR A 304 7.49 7.17 27.26
N SER A 305 7.77 7.63 28.48
CA SER A 305 6.96 8.69 29.11
C SER A 305 6.85 9.96 28.30
N TYR A 306 7.98 10.42 27.82
CA TYR A 306 8.04 11.53 26.92
C TYR A 306 7.42 11.19 25.57
N SER A 307 7.73 10.00 25.05
CA SER A 307 7.11 9.57 23.79
C SER A 307 5.59 9.82 23.85
N VAL A 308 4.96 9.36 24.93
CA VAL A 308 3.52 9.51 25.13
C VAL A 308 3.07 10.96 25.26
N LYS A 309 3.73 11.67 26.15
CA LYS A 309 3.41 13.04 26.42
C LYS A 309 3.45 13.83 25.12
N ALA A 310 4.56 13.74 24.43
CA ALA A 310 4.79 14.50 23.23
C ALA A 310 3.86 14.13 22.07
N SER A 311 3.61 12.83 21.90
CA SER A 311 2.79 12.37 20.77
C SER A 311 1.34 12.80 20.97
N ILE A 312 0.82 12.60 22.18
CA ILE A 312 -0.55 12.97 22.48
C ILE A 312 -0.77 14.46 22.53
N LEU A 313 0.20 15.19 23.04
CA LEU A 313 0.10 16.66 22.98
C LEU A 313 0.35 17.18 21.56
N ALA A 314 1.11 16.46 20.74
CA ALA A 314 1.24 16.85 19.36
C ALA A 314 -0.10 16.81 18.61
N GLY A 315 -1.10 16.10 19.15
CA GLY A 315 -2.41 15.90 18.51
C GLY A 315 -2.78 14.46 18.04
N LEU A 316 -1.98 13.45 18.34
CA LEU A 316 -2.32 12.12 17.85
C LEU A 316 -3.46 11.58 18.66
N ASP A 317 -4.31 10.81 17.99
CA ASP A 317 -5.54 10.37 18.63
C ASP A 317 -5.53 8.91 19.06
N MET A 318 -5.01 8.05 18.16
CA MET A 318 -4.85 6.62 18.42
C MET A 318 -3.38 6.24 18.23
N ILE A 319 -2.89 5.43 19.16
CA ILE A 319 -1.54 4.93 19.16
C ILE A 319 -1.46 3.43 18.81
N MET A 320 -0.73 3.16 17.73
CA MET A 320 -0.48 1.82 17.24
C MET A 320 0.68 1.35 18.11
N VAL A 321 0.37 0.68 19.19
CA VAL A 321 1.35 0.58 20.26
C VAL A 321 2.56 -0.26 19.84
N PRO A 322 2.36 -1.51 19.39
CA PRO A 322 1.13 -2.28 19.34
C PRO A 322 1.13 -3.43 20.30
N ASN A 323 2.28 -3.62 20.98
CA ASN A 323 2.51 -4.70 21.91
C ASN A 323 2.46 -4.36 23.36
N LYS A 324 3.16 -3.29 23.76
CA LYS A 324 3.24 -2.95 25.18
C LYS A 324 2.10 -2.07 25.60
N TYR A 325 0.90 -2.61 25.49
CA TYR A 325 -0.27 -1.80 25.77
C TYR A 325 -0.34 -1.42 27.23
N GLN A 326 0.19 -2.26 28.10
CA GLN A 326 0.01 -2.01 29.53
C GLN A 326 0.72 -0.71 29.99
N GLN A 327 1.93 -0.59 29.50
CA GLN A 327 2.78 0.56 29.74
C GLN A 327 2.16 1.79 29.11
N PHE A 328 1.67 1.65 27.89
CA PHE A 328 1.07 2.78 27.23
C PHE A 328 -0.04 3.34 28.06
N ILE A 329 -0.94 2.46 28.47
CA ILE A 329 -2.13 2.87 29.23
C ILE A 329 -1.71 3.42 30.59
N SER A 330 -0.77 2.74 31.24
CA SER A 330 -0.34 3.21 32.56
C SER A 330 0.22 4.63 32.47
N ILE A 331 1.14 4.81 31.52
CA ILE A 331 1.81 6.06 31.30
C ILE A 331 0.88 7.18 30.96
N LEU A 332 -0.01 6.95 30.02
CA LEU A 332 -0.91 8.01 29.61
C LEU A 332 -1.87 8.38 30.75
N THR A 333 -2.26 7.34 31.52
CA THR A 333 -3.18 7.51 32.61
C THR A 333 -2.55 8.39 33.69
N GLY A 334 -1.30 8.11 34.03
CA GLY A 334 -0.52 8.94 34.95
C GLY A 334 -0.34 10.35 34.45
N HIS A 335 0.03 10.57 33.20
CA HIS A 335 0.07 11.93 32.68
C HIS A 335 -1.25 12.69 32.88
N VAL A 336 -2.38 12.00 32.67
CA VAL A 336 -3.64 12.66 32.76
C VAL A 336 -3.96 12.96 34.22
N ASN A 337 -3.72 11.99 35.09
CA ASN A 337 -3.98 12.13 36.51
C ASN A 337 -3.10 13.23 37.09
N GLY A 338 -1.89 13.40 36.57
CA GLY A 338 -1.00 14.44 37.02
C GLY A 338 -1.22 15.78 36.39
N GLY A 339 -2.16 15.94 35.46
CA GLY A 339 -2.36 17.23 34.82
C GLY A 339 -1.41 17.61 33.69
N VAL A 340 -0.58 16.67 33.33
CA VAL A 340 0.38 16.92 32.29
C VAL A 340 -0.27 16.88 30.87
N ILE A 341 -1.32 16.06 30.73
CA ILE A 341 -2.13 16.08 29.54
C ILE A 341 -3.53 16.42 29.96
N PRO A 342 -4.11 17.45 29.35
CA PRO A 342 -5.47 17.81 29.79
C PRO A 342 -6.50 16.84 29.27
N MET A 343 -7.58 16.71 30.03
CA MET A 343 -8.73 15.96 29.66
C MET A 343 -9.31 16.45 28.31
N SER A 344 -9.21 17.72 27.98
CA SER A 344 -9.75 18.15 26.70
C SER A 344 -9.05 17.41 25.53
N ARG A 345 -7.76 17.12 25.70
CA ARG A 345 -6.99 16.42 24.65
C ARG A 345 -7.49 14.99 24.52
N ILE A 346 -7.69 14.33 25.67
CA ILE A 346 -8.23 12.98 25.69
C ILE A 346 -9.63 12.98 25.01
N ASP A 347 -10.46 13.97 25.31
CA ASP A 347 -11.81 14.00 24.81
C ASP A 347 -11.85 14.21 23.30
N ASP A 348 -10.92 15.02 22.78
CA ASP A 348 -10.82 15.26 21.36
C ASP A 348 -10.42 13.96 20.63
N ALA A 349 -9.45 13.26 21.19
CA ALA A 349 -8.95 12.00 20.55
C ALA A 349 -10.09 11.01 20.46
N VAL A 350 -10.81 10.86 21.57
CA VAL A 350 -11.90 9.89 21.69
C VAL A 350 -13.08 10.34 20.83
N THR A 351 -13.42 11.64 20.86
CA THR A 351 -14.42 12.19 19.94
C THR A 351 -14.16 11.76 18.50
N ARG A 352 -12.95 11.89 18.04
CA ARG A 352 -12.60 11.57 16.66
C ARG A 352 -12.67 10.12 16.36
N ILE A 353 -12.22 9.32 17.32
CA ILE A 353 -12.27 7.88 17.14
C ILE A 353 -13.69 7.34 17.09
N LEU A 354 -14.52 7.85 18.00
CA LEU A 354 -15.91 7.49 18.03
C LEU A 354 -16.67 8.02 16.79
N ARG A 355 -16.32 9.24 16.37
CA ARG A 355 -16.93 9.77 15.14
C ARG A 355 -16.74 8.78 13.95
N VAL A 356 -15.52 8.30 13.80
CA VAL A 356 -15.24 7.42 12.67
C VAL A 356 -16.03 6.14 12.84
N LYS A 357 -15.97 5.57 14.03
CA LYS A 357 -16.71 4.32 14.29
C LYS A 357 -18.24 4.45 14.05
N PHE A 358 -18.83 5.52 14.54
CA PHE A 358 -20.26 5.72 14.33
C PHE A 358 -20.54 6.01 12.86
N THR A 359 -19.73 6.86 12.28
CA THR A 359 -19.97 7.27 10.95
C THR A 359 -19.95 6.05 10.06
N MET A 360 -19.08 5.08 10.32
CA MET A 360 -18.89 3.98 9.37
C MET A 360 -19.93 2.90 9.51
N GLY A 361 -20.76 3.06 10.55
CA GLY A 361 -21.72 2.07 10.89
C GLY A 361 -21.21 0.93 11.75
N LEU A 362 -20.01 1.06 12.34
CA LEU A 362 -19.45 0.00 13.22
C LEU A 362 -20.37 -0.43 14.35
N PHE A 363 -21.07 0.54 14.98
CA PHE A 363 -21.97 0.13 16.04
C PHE A 363 -23.19 -0.63 15.49
N GLU A 364 -23.58 -0.44 14.23
CA GLU A 364 -24.74 -1.15 13.73
C GLU A 364 -24.30 -2.50 13.14
N ASN A 365 -23.10 -2.61 12.59
CA ASN A 365 -22.58 -3.89 12.12
C ASN A 365 -21.16 -4.19 12.62
N PRO A 366 -21.05 -4.59 13.86
CA PRO A 366 -19.71 -4.83 14.42
C PRO A 366 -19.14 -6.14 14.02
N TYR A 367 -19.95 -6.99 13.41
CA TYR A 367 -19.53 -8.37 13.15
C TYR A 367 -19.41 -8.63 11.68
N ALA A 368 -18.69 -9.69 11.35
CA ALA A 368 -18.39 -9.94 9.96
C ALA A 368 -19.63 -10.49 9.25
N ASP A 369 -19.69 -10.31 7.94
CA ASP A 369 -20.76 -10.92 7.18
C ASP A 369 -20.27 -12.18 6.44
N PRO A 370 -20.69 -13.38 6.82
CA PRO A 370 -20.17 -14.60 6.14
C PRO A 370 -20.51 -14.69 4.64
N ALA A 371 -21.56 -14.03 4.19
CA ALA A 371 -21.85 -14.04 2.80
C ALA A 371 -20.80 -13.30 1.99
N MET A 372 -19.92 -12.51 2.63
CA MET A 372 -18.85 -11.79 1.90
C MET A 372 -17.57 -12.59 1.70
N ALA A 373 -17.45 -13.71 2.43
CA ALA A 373 -16.25 -14.50 2.40
C ALA A 373 -15.90 -14.91 0.94
N GLU A 374 -16.92 -15.15 0.12
CA GLU A 374 -16.73 -15.52 -1.27
C GLU A 374 -16.20 -14.36 -2.14
N GLN A 375 -16.12 -13.13 -1.62
CA GLN A 375 -15.43 -12.05 -2.34
C GLN A 375 -13.91 -12.16 -2.48
N LEU A 376 -13.28 -12.92 -1.60
CA LEU A 376 -11.85 -13.04 -1.61
C LEU A 376 -11.42 -13.74 -2.89
N GLY A 377 -10.44 -13.22 -3.63
CA GLY A 377 -9.94 -13.89 -4.84
C GLY A 377 -10.95 -13.89 -5.98
N LYS A 378 -11.99 -13.10 -5.88
CA LYS A 378 -13.05 -13.21 -6.89
C LYS A 378 -12.53 -12.96 -8.28
N GLN A 379 -12.93 -13.77 -9.25
CA GLN A 379 -12.45 -13.62 -10.62
C GLN A 379 -12.65 -12.23 -11.20
N GLU A 380 -13.76 -11.59 -10.88
CA GLU A 380 -13.99 -10.25 -11.39
C GLU A 380 -12.88 -9.28 -10.87
N HIS A 381 -12.45 -9.47 -9.64
CA HIS A 381 -11.33 -8.70 -9.10
C HIS A 381 -10.01 -9.07 -9.79
N ARG A 382 -9.82 -10.34 -10.08
CA ARG A 382 -8.63 -10.75 -10.75
C ARG A 382 -8.63 -10.14 -12.14
N ASP A 383 -9.76 -10.18 -12.82
CA ASP A 383 -9.81 -9.53 -14.14
C ASP A 383 -9.43 -8.02 -14.12
N LEU A 384 -9.86 -7.34 -13.07
CA LEU A 384 -9.46 -5.94 -12.84
C LEU A 384 -7.99 -5.87 -12.60
N ALA A 385 -7.47 -6.76 -11.75
CA ALA A 385 -6.05 -6.70 -11.46
C ALA A 385 -5.30 -6.94 -12.75
N ARG A 386 -5.77 -7.88 -13.57
CA ARG A 386 -5.10 -8.16 -14.85
C ARG A 386 -5.07 -6.96 -15.80
N GLU A 387 -6.18 -6.23 -15.87
CA GLU A 387 -6.21 -5.00 -16.67
C GLU A 387 -5.23 -3.96 -16.05
N ALA A 388 -5.22 -3.83 -14.74
CA ALA A 388 -4.24 -2.91 -14.13
C ALA A 388 -2.81 -3.28 -14.43
N ALA A 389 -2.47 -4.56 -14.32
CA ALA A 389 -1.10 -4.98 -14.59
C ALA A 389 -0.74 -4.60 -16.00
N ARG A 390 -1.65 -4.87 -16.94
CA ARG A 390 -1.32 -4.62 -18.33
C ARG A 390 -1.18 -3.12 -18.59
N LYS A 391 -2.09 -2.36 -18.04
CA LYS A 391 -2.01 -0.90 -18.16
C LYS A 391 -0.76 -0.30 -17.51
N SER A 392 -0.18 -0.98 -16.52
CA SER A 392 0.97 -0.41 -15.79
C SER A 392 2.30 -0.51 -16.55
N LEU A 393 2.36 -1.40 -17.54
CA LEU A 393 3.60 -1.82 -18.11
C LEU A 393 4.06 -0.68 -18.99
N VAL A 394 5.33 -0.33 -18.84
CA VAL A 394 5.96 0.66 -19.73
C VAL A 394 6.97 0.03 -20.66
N LEU A 395 6.72 0.22 -21.94
CA LEU A 395 7.58 -0.32 -22.99
C LEU A 395 8.66 0.70 -23.18
N LEU A 396 9.89 0.28 -22.87
CA LEU A 396 11.07 1.17 -22.97
C LEU A 396 11.85 1.04 -24.25
N LYS A 397 11.77 -0.13 -24.92
CA LYS A 397 12.50 -0.39 -26.12
C LYS A 397 11.73 -1.46 -26.89
N ASN A 398 11.70 -1.39 -28.21
CA ASN A 398 10.97 -2.36 -28.99
C ASN A 398 11.70 -2.53 -30.33
N GLY A 399 12.93 -2.99 -30.29
CA GLY A 399 13.82 -3.14 -31.46
C GLY A 399 15.16 -2.50 -31.19
N LYS A 400 16.26 -3.15 -31.60
CA LYS A 400 17.61 -2.72 -31.20
C LYS A 400 18.07 -1.54 -32.01
N THR A 401 17.50 -1.35 -33.19
CA THR A 401 17.82 -0.21 -34.03
C THR A 401 16.54 0.25 -34.66
N SER A 402 16.59 1.42 -35.25
CA SER A 402 15.39 1.96 -35.79
C SER A 402 15.01 1.31 -37.13
N THR A 403 15.85 0.44 -37.66
CA THR A 403 15.57 -0.33 -38.88
C THR A 403 14.96 -1.69 -38.57
N ASP A 404 15.13 -2.13 -37.32
CA ASP A 404 14.83 -3.50 -36.94
C ASP A 404 13.34 -3.67 -37.00
N ALA A 405 12.85 -4.87 -37.31
CA ALA A 405 11.45 -5.16 -37.05
C ALA A 405 11.11 -5.06 -35.55
N PRO A 406 9.95 -4.50 -35.25
CA PRO A 406 9.60 -4.38 -33.82
C PRO A 406 9.25 -5.75 -33.26
N LEU A 407 9.84 -6.14 -32.13
CA LEU A 407 9.67 -7.48 -31.58
C LEU A 407 8.25 -7.70 -31.08
N LEU A 408 7.72 -6.70 -30.39
CA LEU A 408 6.42 -6.79 -29.76
C LEU A 408 5.45 -6.07 -30.70
N PRO A 409 4.26 -6.65 -30.89
CA PRO A 409 3.75 -7.86 -30.25
C PRO A 409 4.27 -9.11 -30.88
N LEU A 410 4.46 -10.13 -30.04
CA LEU A 410 4.97 -11.41 -30.45
C LEU A 410 3.83 -12.26 -31.05
N PRO A 411 4.18 -13.21 -31.92
CA PRO A 411 3.14 -14.13 -32.37
C PRO A 411 2.81 -15.22 -31.40
N LYS A 412 1.55 -15.55 -31.32
CA LYS A 412 1.09 -16.56 -30.41
C LYS A 412 1.39 -17.97 -30.96
N LYS A 413 1.70 -18.07 -32.26
CA LYS A 413 1.98 -19.33 -32.90
C LYS A 413 3.41 -19.36 -33.33
N ALA A 414 4.16 -20.34 -32.83
CA ALA A 414 5.53 -20.53 -33.28
C ALA A 414 5.97 -21.94 -32.91
N PRO A 415 6.92 -22.52 -33.62
CA PRO A 415 7.18 -23.91 -33.27
C PRO A 415 7.67 -24.12 -31.83
N LYS A 416 8.53 -23.25 -31.35
CA LYS A 416 9.12 -23.45 -30.09
C LYS A 416 9.55 -22.07 -29.59
N ILE A 417 9.20 -21.75 -28.34
CA ILE A 417 9.62 -20.53 -27.73
C ILE A 417 10.25 -20.84 -26.35
N LEU A 418 11.03 -19.88 -25.89
CA LEU A 418 11.71 -20.02 -24.59
C LEU A 418 11.25 -18.97 -23.56
N VAL A 419 10.87 -19.42 -22.35
CA VAL A 419 10.61 -18.54 -21.22
C VAL A 419 11.72 -18.79 -20.24
N ALA A 420 12.30 -17.72 -19.69
CA ALA A 420 13.53 -17.85 -18.91
C ALA A 420 13.62 -16.81 -17.83
N GLY A 421 14.51 -17.00 -16.87
CA GLY A 421 14.78 -15.94 -15.89
C GLY A 421 14.19 -16.21 -14.52
N SER A 422 14.80 -15.63 -13.53
CA SER A 422 14.45 -15.87 -12.15
C SER A 422 13.04 -15.37 -11.76
N HIS A 423 12.48 -14.44 -12.56
CA HIS A 423 11.15 -13.88 -12.28
C HIS A 423 10.06 -14.29 -13.29
N ALA A 424 10.41 -15.20 -14.20
CA ALA A 424 9.48 -15.85 -15.08
C ALA A 424 8.46 -16.76 -14.43
N ASP A 425 8.86 -17.49 -13.41
CA ASP A 425 7.92 -18.38 -12.80
C ASP A 425 8.01 -18.31 -11.28
N ASN A 426 7.78 -17.11 -10.72
CA ASN A 426 7.91 -16.89 -9.27
C ASN A 426 6.96 -15.77 -8.84
N LEU A 427 5.85 -16.26 -8.32
CA LEU A 427 4.75 -15.46 -7.96
C LEU A 427 5.10 -14.41 -6.88
N GLY A 428 5.93 -14.83 -5.90
CA GLY A 428 6.27 -13.89 -4.81
C GLY A 428 7.07 -12.73 -5.32
N TYR A 429 7.99 -13.06 -6.21
CA TYR A 429 8.80 -12.04 -6.86
C TYR A 429 7.94 -11.10 -7.68
N GLN A 430 6.94 -11.63 -8.37
CA GLN A 430 6.12 -10.71 -9.17
C GLN A 430 5.16 -9.87 -8.37
N CYS A 431 4.89 -10.27 -7.14
CA CYS A 431 4.06 -9.45 -6.24
C CYS A 431 4.84 -8.49 -5.45
N GLY A 432 6.03 -8.91 -5.07
CA GLY A 432 6.85 -8.04 -4.20
C GLY A 432 6.44 -7.96 -2.75
N GLY A 433 6.94 -6.93 -2.08
CA GLY A 433 6.75 -6.77 -0.64
C GLY A 433 5.31 -6.56 -0.34
N TRP A 434 4.99 -6.64 0.95
CA TRP A 434 3.64 -6.58 1.44
C TRP A 434 2.83 -7.59 0.69
N THR A 435 3.30 -8.85 0.69
CA THR A 435 2.49 -9.93 0.12
C THR A 435 2.73 -11.16 0.91
N ILE A 436 1.65 -11.59 1.55
CA ILE A 436 1.61 -12.75 2.44
C ILE A 436 2.43 -12.47 3.67
N GLU A 437 3.70 -12.09 3.49
CA GLU A 437 4.54 -11.65 4.58
C GLU A 437 4.77 -10.18 4.41
N TRP A 438 5.23 -9.58 5.48
CA TRP A 438 5.65 -8.19 5.43
C TRP A 438 6.59 -7.81 4.25
N GLN A 439 7.69 -8.57 4.12
CA GLN A 439 8.76 -8.35 3.19
C GLN A 439 8.48 -9.07 1.89
N GLY A 440 7.28 -9.60 1.73
CA GLY A 440 6.98 -10.49 0.63
C GLY A 440 7.83 -11.73 0.73
N ASP A 441 7.83 -12.51 -0.33
CA ASP A 441 8.54 -13.82 -0.22
C ASP A 441 8.71 -14.39 -1.62
N THR A 442 9.27 -15.60 -1.68
CA THR A 442 9.67 -16.22 -2.93
C THR A 442 8.78 -17.43 -3.23
N GLY A 443 8.44 -17.65 -4.50
CA GLY A 443 7.76 -18.89 -4.90
C GLY A 443 6.23 -18.79 -4.93
N ARG A 444 5.60 -19.95 -4.93
CA ARG A 444 4.15 -20.00 -4.98
C ARG A 444 3.48 -19.65 -3.66
N THR A 445 3.44 -18.39 -3.28
CA THR A 445 2.98 -17.98 -1.95
C THR A 445 1.48 -17.82 -1.80
N THR A 446 0.77 -17.73 -2.92
CA THR A 446 -0.63 -17.54 -2.85
C THR A 446 -1.20 -17.96 -4.21
N VAL A 447 -2.43 -17.57 -4.47
CA VAL A 447 -3.10 -18.03 -5.68
C VAL A 447 -2.84 -17.01 -6.75
N GLY A 448 -2.37 -17.44 -7.93
CA GLY A 448 -2.19 -16.53 -9.05
C GLY A 448 -1.58 -17.20 -10.25
N THR A 449 -1.06 -16.36 -11.14
CA THR A 449 -0.56 -16.76 -12.42
C THR A 449 0.80 -16.11 -12.69
N THR A 450 1.83 -16.94 -12.78
CA THR A 450 3.14 -16.46 -13.16
C THR A 450 3.23 -16.12 -14.63
N ILE A 451 4.34 -15.43 -14.99
CA ILE A 451 4.57 -15.09 -16.38
C ILE A 451 4.63 -16.36 -17.22
N LEU A 452 5.30 -17.39 -16.72
CA LEU A 452 5.32 -18.67 -17.47
C LEU A 452 3.94 -19.23 -17.70
N GLU A 453 3.14 -19.30 -16.62
CA GLU A 453 1.79 -19.83 -16.72
C GLU A 453 0.93 -19.01 -17.66
N ALA A 454 1.14 -17.71 -17.67
CA ALA A 454 0.41 -16.80 -18.54
C ALA A 454 0.81 -17.07 -20.00
N VAL A 455 2.09 -17.30 -20.26
CA VAL A 455 2.49 -17.60 -21.61
C VAL A 455 1.83 -18.88 -22.12
N LYS A 456 1.92 -19.94 -21.33
CA LYS A 456 1.31 -21.25 -21.67
C LYS A 456 -0.20 -21.15 -21.99
N ALA A 457 -0.85 -20.27 -21.24
CA ALA A 457 -2.25 -19.99 -21.30
C ALA A 457 -2.60 -19.20 -22.50
N ALA A 458 -1.64 -18.46 -23.05
CA ALA A 458 -1.91 -17.55 -24.16
C ALA A 458 -1.53 -18.08 -25.51
N VAL A 459 -0.52 -18.93 -25.58
CA VAL A 459 -0.03 -19.29 -26.92
C VAL A 459 -0.87 -20.33 -27.69
N ASP A 460 -0.77 -20.38 -29.02
CA ASP A 460 -1.47 -21.44 -29.82
C ASP A 460 -1.15 -22.82 -29.22
N PRO A 461 -2.10 -23.78 -29.35
CA PRO A 461 -1.80 -25.13 -28.86
C PRO A 461 -0.56 -25.79 -29.49
N SER A 462 -0.22 -25.40 -30.71
CA SER A 462 0.97 -25.95 -31.39
C SER A 462 2.31 -25.29 -30.97
N THR A 463 2.30 -24.21 -30.19
CA THR A 463 3.54 -23.57 -29.76
C THR A 463 4.10 -24.36 -28.59
N VAL A 464 5.28 -24.94 -28.74
CA VAL A 464 5.99 -25.62 -27.61
C VAL A 464 6.64 -24.54 -26.74
N VAL A 465 6.34 -24.56 -25.45
CA VAL A 465 6.92 -23.60 -24.51
C VAL A 465 7.97 -24.31 -23.66
N VAL A 466 9.21 -23.88 -23.76
CA VAL A 466 10.27 -24.41 -22.92
C VAL A 466 10.62 -23.41 -21.84
N PHE A 467 10.69 -23.85 -20.60
CA PHE A 467 11.12 -22.96 -19.51
C PHE A 467 12.51 -23.36 -19.06
N ALA A 468 13.41 -22.41 -18.93
CA ALA A 468 14.63 -22.64 -18.19
C ALA A 468 14.92 -21.39 -17.40
N GLU A 469 15.12 -21.55 -16.12
CA GLU A 469 15.35 -20.40 -15.27
C GLU A 469 16.59 -19.62 -15.65
N ASN A 470 17.73 -20.29 -15.81
CA ASN A 470 19.03 -19.65 -16.10
C ASN A 470 19.85 -20.43 -17.16
N PRO A 471 19.37 -20.44 -18.37
CA PRO A 471 20.01 -21.27 -19.37
C PRO A 471 21.33 -20.68 -19.82
N ASP A 472 22.28 -21.50 -20.25
CA ASP A 472 23.47 -20.91 -20.87
C ASP A 472 23.26 -20.60 -22.34
N ALA A 473 24.24 -19.90 -22.89
CA ALA A 473 24.15 -19.42 -24.19
C ALA A 473 23.99 -20.57 -25.13
N GLU A 474 24.74 -21.64 -24.93
CA GLU A 474 24.74 -22.73 -25.92
C GLU A 474 23.38 -23.38 -26.00
N PHE A 475 22.77 -23.52 -24.82
CA PHE A 475 21.42 -24.04 -24.73
C PHE A 475 20.42 -23.24 -25.59
N VAL A 476 20.47 -21.90 -25.48
CA VAL A 476 19.57 -21.03 -26.25
C VAL A 476 19.88 -21.16 -27.72
N LYS A 477 21.15 -21.03 -28.09
CA LYS A 477 21.53 -21.12 -29.51
C LYS A 477 21.21 -22.45 -30.12
N SER A 478 21.23 -23.50 -29.31
CA SER A 478 20.99 -24.83 -29.85
C SER A 478 19.52 -25.16 -29.87
N GLY A 479 18.66 -24.38 -29.21
CA GLY A 479 17.30 -24.84 -28.97
C GLY A 479 16.22 -24.73 -30.05
N GLY A 480 16.53 -24.09 -31.17
CA GLY A 480 15.51 -23.90 -32.21
C GLY A 480 14.33 -23.04 -31.80
N PHE A 481 14.63 -21.98 -31.05
CA PHE A 481 13.56 -21.09 -30.55
C PHE A 481 13.19 -20.01 -31.53
N SER A 482 11.91 -19.67 -31.62
CA SER A 482 11.52 -18.55 -32.44
C SER A 482 11.86 -17.22 -31.71
N TYR A 483 11.65 -17.20 -30.40
CA TYR A 483 12.00 -16.04 -29.60
C TYR A 483 12.01 -16.42 -28.16
N ALA A 484 12.32 -15.46 -27.31
CA ALA A 484 12.33 -15.72 -25.89
C ALA A 484 11.74 -14.58 -25.14
N ILE A 485 11.12 -14.94 -24.03
CA ILE A 485 10.69 -13.99 -23.06
C ILE A 485 11.52 -14.22 -21.80
N VAL A 486 12.18 -13.20 -21.30
CA VAL A 486 13.05 -13.40 -20.13
C VAL A 486 12.73 -12.35 -19.09
N ALA A 487 12.47 -12.82 -17.86
CA ALA A 487 12.03 -11.98 -16.78
C ALA A 487 13.01 -12.01 -15.63
N VAL A 488 13.36 -10.81 -15.15
CA VAL A 488 14.39 -10.73 -14.11
C VAL A 488 14.08 -9.49 -13.37
N GLY A 489 14.79 -9.29 -12.26
CA GLY A 489 14.56 -8.09 -11.48
C GLY A 489 14.94 -8.09 -10.04
N GLU A 490 14.30 -7.18 -9.30
CA GLU A 490 14.49 -7.11 -7.84
C GLU A 490 13.74 -8.22 -7.10
N HIS A 491 14.26 -8.56 -5.92
CA HIS A 491 13.57 -9.39 -4.93
C HIS A 491 12.62 -8.57 -4.10
N PRO A 492 11.68 -9.24 -3.41
CA PRO A 492 10.70 -8.49 -2.65
C PRO A 492 11.37 -7.75 -1.50
N TYR A 493 10.95 -6.53 -1.17
CA TYR A 493 11.53 -5.93 0.02
C TYR A 493 10.51 -4.94 0.51
N THR A 494 10.53 -4.29 1.85
C THR A 494 10.50 -2.57 3.13
N GLU A 495 10.00 -1.35 3.32
CA GLU A 495 10.60 -0.41 4.28
C GLU A 495 12.11 -0.43 4.15
N THR A 496 12.83 -0.45 5.26
CA THR A 496 14.23 -0.14 5.26
C THR A 496 15.06 -1.22 4.57
N LYS A 497 14.64 -2.49 4.58
CA LYS A 497 15.37 -3.54 3.81
C LYS A 497 15.51 -3.16 2.33
N GLY A 498 14.58 -2.40 1.76
CA GLY A 498 14.70 -2.00 0.34
C GLY A 498 15.45 -0.69 0.05
N ASP A 499 15.83 0.05 1.11
CA ASP A 499 16.75 1.15 0.94
C ASP A 499 17.95 0.50 0.29
N ASN A 500 18.44 1.17 -0.74
CA ASN A 500 19.41 0.59 -1.62
C ASN A 500 20.11 1.72 -2.39
N LEU A 501 21.38 1.90 -2.09
CA LEU A 501 22.18 3.00 -2.64
C LEU A 501 22.63 2.74 -4.08
N ASN A 502 22.72 1.46 -4.48
CA ASN A 502 23.33 1.12 -5.77
C ASN A 502 22.32 0.73 -6.89
N LEU A 503 21.11 0.32 -6.53
CA LEU A 503 19.98 0.13 -7.46
C LEU A 503 20.26 -0.77 -8.66
N THR A 504 21.04 -1.82 -8.44
CA THR A 504 21.34 -2.73 -9.50
C THR A 504 20.64 -4.06 -9.24
N ILE A 505 20.05 -4.66 -10.25
CA ILE A 505 19.32 -5.86 -9.93
C ILE A 505 20.30 -6.99 -9.57
N PRO A 506 19.86 -7.97 -8.81
CA PRO A 506 20.81 -9.01 -8.40
C PRO A 506 21.13 -9.97 -9.51
N GLU A 507 22.21 -10.70 -9.33
CA GLU A 507 22.57 -11.73 -10.29
C GLU A 507 22.14 -13.10 -9.84
N PRO A 508 21.94 -14.03 -10.79
CA PRO A 508 22.02 -13.86 -12.23
C PRO A 508 20.78 -13.10 -12.67
N GLY A 509 20.88 -12.38 -13.75
CA GLY A 509 19.79 -11.51 -14.10
C GLY A 509 20.23 -10.93 -15.39
N LEU A 510 21.19 -10.02 -15.28
CA LEU A 510 21.88 -9.50 -16.43
C LEU A 510 22.51 -10.63 -17.22
N SER A 511 23.14 -11.55 -16.52
CA SER A 511 23.83 -12.64 -17.22
C SER A 511 22.84 -13.52 -17.96
N THR A 512 21.70 -13.81 -17.34
CA THR A 512 20.68 -14.59 -18.02
C THR A 512 20.12 -13.83 -19.25
N VAL A 513 19.83 -12.54 -19.11
CA VAL A 513 19.40 -11.79 -20.27
C VAL A 513 20.42 -11.82 -21.36
N GLN A 514 21.66 -11.57 -21.02
CA GLN A 514 22.70 -11.56 -22.05
C GLN A 514 22.83 -12.93 -22.73
N ALA A 515 22.79 -14.00 -21.95
CA ALA A 515 22.82 -15.37 -22.49
C ALA A 515 21.61 -15.71 -23.42
N VAL A 516 20.43 -15.31 -23.01
CA VAL A 516 19.22 -15.57 -23.81
C VAL A 516 19.17 -14.71 -25.05
N CYS A 517 19.32 -13.42 -24.85
CA CYS A 517 19.24 -12.49 -25.98
C CYS A 517 20.40 -12.68 -26.94
N GLY A 518 21.55 -13.18 -26.47
CA GLY A 518 22.64 -13.42 -27.38
C GLY A 518 22.37 -14.63 -28.31
N GLY A 519 21.43 -15.50 -27.99
CA GLY A 519 21.12 -16.67 -28.78
C GLY A 519 19.85 -16.54 -29.66
N VAL A 520 18.89 -15.69 -29.28
CA VAL A 520 17.60 -15.62 -29.96
C VAL A 520 17.04 -14.27 -29.58
N ARG A 521 16.18 -13.74 -30.45
CA ARG A 521 15.60 -12.47 -30.17
C ARG A 521 14.76 -12.55 -28.91
N CYS A 522 14.77 -11.53 -28.08
CA CYS A 522 14.23 -11.67 -26.77
C CYS A 522 13.44 -10.43 -26.37
N ALA A 523 12.36 -10.64 -25.62
CA ALA A 523 11.71 -9.54 -24.89
C ALA A 523 12.04 -9.71 -23.37
N THR A 524 12.61 -8.68 -22.79
CA THR A 524 13.02 -8.73 -21.40
C THR A 524 11.94 -8.03 -20.57
N VAL A 525 11.42 -8.73 -19.56
CA VAL A 525 10.44 -8.20 -18.63
C VAL A 525 11.19 -7.92 -17.30
N LEU A 526 11.24 -6.64 -16.97
CA LEU A 526 11.87 -6.17 -15.77
C LEU A 526 10.88 -5.96 -14.65
N ILE A 527 11.08 -6.74 -13.57
CA ILE A 527 10.24 -6.65 -12.40
C ILE A 527 11.02 -5.87 -11.36
N SER A 528 10.47 -4.75 -10.91
CA SER A 528 11.18 -3.86 -9.97
C SER A 528 10.19 -2.94 -9.31
N GLY A 529 10.56 -2.39 -8.15
CA GLY A 529 9.66 -1.45 -7.48
C GLY A 529 9.93 0.00 -7.80
N ARG A 530 10.81 0.20 -8.75
CA ARG A 530 11.49 1.45 -8.98
C ARG A 530 12.44 1.29 -10.17
N PRO A 531 12.90 2.41 -10.76
CA PRO A 531 13.99 2.38 -11.71
C PRO A 531 15.25 1.78 -11.11
N VAL A 532 15.95 1.05 -11.93
CA VAL A 532 17.19 0.44 -11.57
C VAL A 532 18.09 0.64 -12.75
N VAL A 533 19.37 0.48 -12.52
CA VAL A 533 20.35 0.59 -13.59
C VAL A 533 19.93 -0.38 -14.70
N VAL A 534 19.71 0.13 -15.90
CA VAL A 534 19.09 -0.62 -16.96
C VAL A 534 19.86 -0.61 -18.29
N GLN A 535 20.89 0.23 -18.43
CA GLN A 535 21.57 0.32 -19.73
C GLN A 535 22.08 -1.04 -20.16
N PRO A 536 22.68 -1.80 -19.26
CA PRO A 536 23.14 -3.11 -19.68
C PRO A 536 22.02 -4.06 -20.11
N LEU A 537 20.90 -4.03 -19.40
CA LEU A 537 19.74 -4.85 -19.81
C LEU A 537 19.18 -4.40 -21.15
N LEU A 538 19.13 -3.09 -21.34
CA LEU A 538 18.72 -2.53 -22.62
C LEU A 538 19.61 -2.96 -23.79
N ALA A 539 20.94 -2.87 -23.59
CA ALA A 539 21.87 -3.08 -24.69
C ALA A 539 21.74 -4.51 -25.24
N ALA A 540 21.50 -5.48 -24.36
CA ALA A 540 21.30 -6.88 -24.77
C ALA A 540 19.92 -7.18 -25.38
N SER A 541 18.88 -6.40 -25.08
CA SER A 541 17.51 -6.82 -25.30
C SER A 541 17.00 -6.23 -26.60
N ASP A 542 16.22 -6.99 -27.35
CA ASP A 542 15.51 -6.44 -28.50
C ASP A 542 14.35 -5.55 -28.00
N ALA A 543 13.61 -6.01 -26.98
CA ALA A 543 12.51 -5.29 -26.37
C ALA A 543 12.66 -5.41 -24.89
N LEU A 544 12.23 -4.38 -24.20
CA LEU A 544 12.33 -4.37 -22.78
C LEU A 544 11.16 -3.62 -22.21
N VAL A 545 10.49 -4.28 -21.25
CA VAL A 545 9.33 -3.81 -20.55
C VAL A 545 9.56 -3.60 -19.07
N ALA A 546 9.23 -2.39 -18.61
CA ALA A 546 9.16 -2.14 -17.18
C ALA A 546 7.81 -2.53 -16.68
N ALA A 547 7.80 -3.64 -15.96
CA ALA A 547 6.57 -4.21 -15.46
C ALA A 547 6.27 -3.89 -13.97
N TRP A 548 7.18 -3.18 -13.30
CA TRP A 548 7.01 -2.82 -11.91
C TRP A 548 6.77 -4.06 -11.08
N LEU A 549 5.77 -4.08 -10.20
CA LEU A 549 5.42 -5.28 -9.39
C LEU A 549 3.99 -5.65 -9.65
N PRO A 550 3.74 -6.37 -10.72
CA PRO A 550 2.37 -6.45 -11.24
C PRO A 550 1.37 -7.23 -10.43
N GLY A 551 1.79 -7.97 -9.40
CA GLY A 551 0.88 -8.70 -8.56
C GLY A 551 0.55 -10.10 -9.08
N SER A 552 -0.60 -10.61 -8.67
CA SER A 552 -0.92 -12.00 -8.88
C SER A 552 -1.32 -12.39 -10.30
N GLU A 553 -1.73 -11.42 -11.11
CA GLU A 553 -2.34 -11.73 -12.44
C GLU A 553 -1.35 -11.51 -13.52
N GLY A 554 -0.44 -12.46 -13.67
CA GLY A 554 0.61 -12.36 -14.69
C GLY A 554 0.11 -12.37 -16.15
N GLN A 555 -1.17 -12.71 -16.36
CA GLN A 555 -1.72 -12.56 -17.72
C GLN A 555 -1.77 -11.13 -18.21
N GLY A 556 -1.57 -10.16 -17.32
CA GLY A 556 -1.65 -8.77 -17.78
C GLY A 556 -0.38 -8.45 -18.54
N VAL A 557 0.69 -9.17 -18.21
CA VAL A 557 1.96 -9.02 -18.93
C VAL A 557 1.80 -9.57 -20.36
N THR A 558 1.24 -10.76 -20.48
CA THR A 558 1.21 -11.45 -21.78
C THR A 558 0.13 -10.84 -22.68
N ASP A 559 -0.90 -10.30 -22.09
CA ASP A 559 -1.94 -9.54 -22.85
C ASP A 559 -1.31 -8.47 -23.73
N ALA A 560 -0.26 -7.86 -23.21
CA ALA A 560 0.45 -6.88 -23.98
C ALA A 560 1.56 -7.52 -24.85
N LEU A 561 2.35 -8.41 -24.27
CA LEU A 561 3.40 -9.03 -25.03
C LEU A 561 2.87 -9.61 -26.31
N PHE A 562 1.68 -10.21 -26.28
CA PHE A 562 1.18 -10.96 -27.44
C PHE A 562 0.17 -10.13 -28.18
N GLY A 563 0.01 -8.88 -27.80
CA GLY A 563 -0.78 -7.99 -28.62
C GLY A 563 -2.30 -8.03 -28.51
N ASP A 564 -2.86 -8.68 -27.49
CA ASP A 564 -4.24 -8.57 -27.26
C ASP A 564 -4.56 -7.10 -26.92
N PHE A 565 -3.64 -6.41 -26.26
CA PHE A 565 -3.82 -5.00 -26.01
C PHE A 565 -2.51 -4.30 -26.40
N GLY A 566 -2.62 -2.99 -26.66
CA GLY A 566 -1.45 -2.18 -26.93
C GLY A 566 -0.81 -1.73 -25.64
N PHE A 567 0.46 -1.42 -25.66
CA PHE A 567 1.17 -0.86 -24.50
C PHE A 567 0.73 0.60 -24.35
N THR A 568 0.36 1.03 -23.17
CA THR A 568 -0.11 2.42 -22.98
C THR A 568 0.56 3.08 -21.82
N GLY A 569 1.23 2.31 -20.98
CA GLY A 569 1.77 2.89 -19.76
C GLY A 569 2.88 3.88 -20.01
N ARG A 570 3.09 4.80 -19.05
CA ARG A 570 4.08 5.81 -19.15
C ARG A 570 4.77 5.99 -17.84
N LEU A 571 6.08 6.19 -17.87
CA LEU A 571 6.85 6.28 -16.64
C LEU A 571 6.17 7.31 -15.71
N PRO A 572 5.87 6.91 -14.45
CA PRO A 572 5.46 7.82 -13.40
C PRO A 572 6.65 8.35 -12.57
N ARG A 573 7.85 8.00 -12.98
CA ARG A 573 9.07 8.45 -12.35
C ARG A 573 10.05 8.66 -13.43
N THR A 574 11.11 9.37 -13.07
CA THR A 574 12.24 9.63 -13.89
C THR A 574 13.13 8.37 -13.84
N TRP A 575 13.63 7.93 -14.99
CA TRP A 575 14.60 6.85 -15.04
C TRP A 575 15.96 7.52 -15.16
N PHE A 576 16.78 7.38 -14.10
CA PHE A 576 18.12 7.95 -14.01
C PHE A 576 19.12 7.22 -14.93
N LYS A 577 20.14 7.94 -15.37
CA LYS A 577 21.27 7.27 -16.03
C LYS A 577 22.18 6.61 -15.00
N SER A 578 22.28 7.22 -13.82
CA SER A 578 23.28 6.86 -12.82
C SER A 578 22.75 7.25 -11.44
N VAL A 579 23.01 6.42 -10.43
CA VAL A 579 22.61 6.77 -9.05
C VAL A 579 23.36 7.99 -8.53
N ASP A 580 24.57 8.20 -8.99
CA ASP A 580 25.25 9.45 -8.68
C ASP A 580 24.41 10.63 -8.96
N GLN A 581 23.48 10.56 -9.91
CA GLN A 581 22.69 11.74 -10.25
C GLN A 581 21.66 12.05 -9.21
N LEU A 582 21.41 11.11 -8.30
CA LEU A 582 20.19 11.19 -7.51
C LEU A 582 20.48 12.10 -6.31
N PRO A 583 19.48 12.80 -5.81
CA PRO A 583 18.12 12.72 -6.29
C PRO A 583 17.96 13.59 -7.54
N MET A 584 17.09 13.19 -8.46
CA MET A 584 16.88 13.94 -9.70
C MET A 584 15.44 13.79 -10.14
N ASN A 585 14.70 14.91 -10.08
CA ASN A 585 13.30 14.90 -10.45
C ASN A 585 12.94 15.89 -11.55
N VAL A 586 11.86 15.59 -12.28
CA VAL A 586 11.39 16.51 -13.31
C VAL A 586 11.26 17.93 -12.70
N GLY A 587 11.82 18.91 -13.37
CA GLY A 587 11.92 20.25 -12.81
C GLY A 587 13.32 20.60 -12.35
N ASP A 588 14.18 19.62 -12.06
CA ASP A 588 15.48 19.94 -11.45
C ASP A 588 16.45 20.82 -12.22
N ALA A 589 17.46 21.26 -11.48
CA ALA A 589 18.66 21.85 -12.02
C ALA A 589 19.06 21.16 -13.31
N HIS A 590 19.74 20.02 -13.16
CA HIS A 590 20.46 19.42 -14.27
C HIS A 590 19.76 18.15 -14.66
N TYR A 591 18.48 18.30 -15.00
CA TYR A 591 17.64 17.18 -15.36
C TYR A 591 18.21 16.47 -16.58
N ASP A 592 18.87 15.33 -16.34
CA ASP A 592 19.53 14.59 -17.37
C ASP A 592 19.11 13.11 -17.30
N PRO A 593 17.86 12.78 -17.67
CA PRO A 593 17.30 11.44 -17.40
C PRO A 593 17.66 10.42 -18.50
N LEU A 594 17.77 9.14 -18.17
CA LEU A 594 17.84 8.13 -19.24
C LEU A 594 16.50 8.12 -19.98
N PHE A 595 15.42 8.05 -19.24
CA PHE A 595 14.12 8.25 -19.78
C PHE A 595 13.39 9.21 -18.85
N ARG A 596 12.69 10.19 -19.43
CA ARG A 596 12.10 11.27 -18.64
C ARG A 596 10.74 10.79 -18.14
N LEU A 597 10.24 11.44 -17.09
CA LEU A 597 8.89 11.14 -16.63
C LEU A 597 7.92 11.31 -17.81
N GLY A 598 6.96 10.43 -17.97
CA GLY A 598 6.02 10.54 -19.08
C GLY A 598 6.43 9.65 -20.22
N TYR A 599 7.66 9.18 -20.27
CA TYR A 599 8.07 8.40 -21.41
C TYR A 599 7.40 7.03 -21.47
N GLY A 600 6.99 6.62 -22.66
CA GLY A 600 6.66 5.19 -22.86
C GLY A 600 6.38 4.93 -24.32
N LEU A 601 6.87 3.82 -24.87
CA LEU A 601 6.54 3.49 -26.26
C LEU A 601 5.17 2.84 -26.35
N THR A 602 4.53 2.90 -27.52
CA THR A 602 3.26 2.21 -27.68
C THR A 602 3.31 1.07 -28.71
N THR A 603 2.32 0.20 -28.66
CA THR A 603 2.02 -0.68 -29.76
C THR A 603 0.53 -0.62 -29.97
N ASN A 604 0.08 -1.22 -31.05
CA ASN A 604 -1.34 -1.39 -31.32
C ASN A 604 -1.72 -2.83 -31.24
N ALA A 605 -2.92 -3.05 -30.74
CA ALA A 605 -3.43 -4.38 -30.63
C ALA A 605 -3.51 -5.14 -32.00
N THR A 606 -3.19 -6.44 -31.98
CA THR A 606 -3.43 -7.37 -33.11
C THR A 606 -4.60 -8.28 -32.80
C1 NAG B . 19.01 9.45 9.57
C2 NAG B . 18.67 9.73 11.06
C3 NAG B . 20.00 9.90 11.84
C4 NAG B . 21.01 8.76 11.54
C5 NAG B . 21.22 8.74 10.02
C6 NAG B . 22.30 7.79 9.51
C7 NAG B . 16.46 10.95 11.42
C8 NAG B . 15.80 12.29 11.55
N2 NAG B . 17.81 10.93 11.23
O3 NAG B . 19.66 10.00 13.20
O4 NAG B . 22.26 8.90 12.20
O5 NAG B . 19.95 8.39 9.46
O6 NAG B . 21.87 6.50 9.88
O7 NAG B . 15.74 9.96 11.49
C1 NAG C . -0.60 2.48 -34.17
C2 NAG C . 0.55 2.47 -35.18
C3 NAG C . 1.18 3.88 -35.09
C4 NAG C . 0.12 4.84 -35.64
C5 NAG C . -1.20 4.71 -34.86
C6 NAG C . -2.32 5.48 -35.57
C7 NAG C . 1.13 0.14 -35.97
C8 NAG C . 1.98 -1.10 -35.77
N2 NAG C . 1.35 1.20 -35.11
O3 NAG C . 2.36 4.01 -35.86
O4 NAG C . 0.53 6.20 -35.63
O5 NAG C . -1.60 3.36 -34.65
O6 NAG C . -3.29 4.61 -36.07
O7 NAG C . 0.29 0.14 -36.90
C1 BV6 D . 9.13 -4.26 12.82
C2 BV6 D . 8.96 -5.65 12.63
C3 BV6 D . 9.63 -6.51 13.45
C4 BV6 D . 10.44 -5.96 14.45
C5 BV6 D . 10.61 -4.58 14.65
O5 BV6 D . 11.29 -6.60 16.45
C6 BV6 D . 9.94 -3.70 13.82
O6 BV6 D . 11.52 -7.90 14.78
C1A BV6 D . 4.71 0.25 9.63
C2A BV6 D . 4.43 1.02 8.31
C3A BV6 D . 2.98 1.44 8.03
C4A BV6 D . 2.05 0.29 8.32
C5A BV6 D . 2.20 -0.14 9.78
C6A BV6 D . 1.24 -1.26 10.17
O2A BV6 D . 5.34 2.11 8.27
O4A BV6 D . 0.72 0.69 8.03
O5A BV6 D . 3.58 -0.42 10.15
O6A BV6 D . 1.56 -2.56 9.63
C1B BV6 D . 7.04 -3.62 11.93
C2B BV6 D . 6.38 -2.37 11.31
C3B BV6 D . 4.95 -2.59 10.73
C4B BV6 D . 4.52 -4.13 10.69
C5B BV6 D . 5.62 -5.24 10.62
C6B BV6 D . 5.29 -6.67 11.12
O1B BV6 D . 8.45 -3.41 12.01
O2B BV6 D . 7.19 -1.56 10.44
O4B BV6 D . 3.43 -4.42 9.78
O5B BV6 D . 6.81 -4.92 11.35
O6B BV6 D . 6.46 -7.51 11.34
O6B BV6 D . 4.12 -7.44 11.46
N4 BV6 D . 11.12 -6.86 15.27
S1A BV6 D . 4.66 -1.44 9.44
O3A BV6 D . 2.82 1.93 6.67
OH2 1PE E . -0.98 16.42 -15.17
C12 1PE E . -2.13 16.60 -14.31
C22 1PE E . -2.47 15.33 -13.52
OH3 1PE E . -3.68 15.45 -12.73
C13 1PE E . -4.83 16.14 -10.81
C23 1PE E . -3.88 16.59 -11.89
OH4 1PE E . -5.00 17.18 -9.85
C14 1PE E . -6.92 17.27 -8.31
C24 1PE E . -5.61 16.63 -8.66
OH5 1PE E . -8.01 16.68 -9.01
C15 1PE E . -10.26 17.06 -10.05
C25 1PE E . -9.05 17.64 -9.31
OH6 1PE E . -11.17 16.38 -9.18
C16 1PE E . -9.79 15.09 -7.48
C26 1PE E . -10.79 15.06 -8.66
OH7 1PE E . -8.49 14.45 -7.68
OH3 1PE F . -14.21 -6.00 -9.85
C13 1PE F . -14.71 -3.57 -9.87
C23 1PE F . -13.67 -4.70 -9.81
OH4 1PE F . -15.61 -3.82 -11.00
C14 1PE F . -16.64 -1.63 -10.45
C24 1PE F . -16.41 -2.72 -11.53
OH5 1PE F . -17.25 -0.46 -10.99
C15 1PE F . -18.53 -0.43 -12.97
C25 1PE F . -18.59 -0.58 -11.45
OH6 1PE F . -19.84 -0.21 -13.53
C16 1PE F . -21.42 0.64 -11.92
C26 1PE F . -20.52 0.98 -13.11
OH7 1PE F . -20.92 1.28 -10.73
OH2 1PE G . -24.44 -11.33 14.15
C12 1PE G . -24.00 -11.70 15.47
C22 1PE G . -22.68 -12.46 15.29
OH3 1PE G . -22.12 -12.69 16.59
C13 1PE G . -20.16 -13.18 17.94
C23 1PE G . -20.79 -13.23 16.54
OH4 1PE G . -19.55 -14.45 18.30
C24 1PE G . -18.11 -14.58 18.18
OH2 1PE H . -15.91 -5.37 -7.32
C12 1PE H . -16.42 -4.10 -6.88
C22 1PE H . -17.85 -3.74 -7.41
OH3 1PE H . -18.55 -4.52 -8.46
C13 1PE H . -20.49 -4.30 -10.21
C23 1PE H . -19.79 -3.82 -8.91
S SO4 I . 13.99 10.61 -22.88
O1 SO4 I . 13.41 11.63 -23.78
O2 SO4 I . 12.88 10.05 -22.09
O3 SO4 I . 14.93 11.33 -21.98
O4 SO4 I . 14.64 9.50 -23.65
S SO4 J . -8.80 19.88 31.58
O1 SO4 J . -10.16 19.36 31.84
O2 SO4 J . -7.90 18.82 32.09
O3 SO4 J . -8.62 21.18 32.22
O4 SO4 J . -8.63 20.11 30.11
S SO4 K . -3.50 11.62 -14.04
O1 SO4 K . -4.19 12.92 -13.81
O2 SO4 K . -4.22 10.49 -13.47
O3 SO4 K . -2.15 11.54 -13.42
O4 SO4 K . -3.29 11.57 -15.49
S SO4 L . 18.74 -23.82 -15.49
O1 SO4 L . 18.80 -22.79 -14.42
O2 SO4 L . 17.62 -24.76 -15.21
O3 SO4 L . 20.04 -24.53 -15.57
O4 SO4 L . 18.55 -23.15 -16.79
C1 GOL M . 13.46 16.22 24.51
O1 GOL M . 13.14 16.96 25.70
C2 GOL M . 14.17 14.89 24.84
O2 GOL M . 14.22 14.05 23.66
C3 GOL M . 13.48 14.13 26.00
O3 GOL M . 13.90 12.75 25.97
#